data_7KR4
#
_entry.id   7KR4
#
_cell.length_a   72.374
_cell.length_b   96.556
_cell.length_c   114.997
_cell.angle_alpha   90.000
_cell.angle_beta   90.000
_cell.angle_gamma   90.000
#
_symmetry.space_group_name_H-M   'P 21 21 21'
#
loop_
_entity.id
_entity.type
_entity.pdbx_description
1 polymer 'DNA ligase 1'
2 polymer "DNA (5'-D(*AP*AP*TP*GP*TP*CP*TP*GP*CP*CP*C)-3')"
3 polymer "DNA (5'-D(P*AP*TP*TP*CP*TP*GP*C)-3')"
4 polymer "DNA (5'-D(*GP*CP*AP*GP*AP*AP*TP*GP*GP*GP*CP*AP*GP*AP*CP*AP*TP*T)-3')"
5 non-polymer 'ACETATE ION'
6 non-polymer 'ADENOSINE MONOPHOSPHATE'
7 water water
#
loop_
_entity_poly.entity_id
_entity_poly.type
_entity_poly.pdbx_seq_one_letter_code
_entity_poly.pdbx_strand_id
1 'polypeptide(L)'
;SNDMDPSGYNPAKNNYHPVEDACWKPGQKVPYLAVARTFEKIEEVSARLRMVETLSNLLRSVVALSPPDLLPVLYLSLNH
LGPPQQGLALGVGDGVLLKAVAQATGRQLESVRAEAAEKGDVGLVAENSRSTQRLMLPPPPLTASGVFSKFRDIARLTGS
ASTAKKIDIIKGLFVACRHSEARFIARSLSGRLRLGLAEQSVLAALSQAVSLTPPGQEFPPAMVDAGKGKTAEARKTWLE
EQGMILKQTFCEVPDLDRIIPVLLEHGLERLPEHCKLSPGIPLKPMLAHPTRGISEVLKRFEEAAFTCEYKYDGQRAQIH
ALEGGEVKIFSRNQADNTGKYPDIISRIPKIKLPSVTSFILDTEAVAWDREKKQIQPFQVLTTRKRKEVDASEIQVQVCL
YAFDLIYLNGESLVREPLSRRRQLLRENFVETEGEFVFATSLDTKDIEQIAEFLEQSVKDSCEGLMVKTLDVDATYEIAK
RSHNWLKLKKDYLDGVGDTLDLVVIGAYLGRGKRAGRYGGFLLASYDEDSEELQAICKLGTGFSDEELEEHHQSLKALVL
PSPRPYVRIDGAVIPDHWLDPSAVWEVKCADLSLSPIYPAARGLVDSDKGISLRFPRFIRVREDKQPEQATTSAQVACLY
RKQSQIQ
;
A
2 'polydeoxyribonucleotide' (DA)(DA)(DT)(DG)(DT)(DC)(DT)(DG)(DC)(DC)(DC) B
3 'polydeoxyribonucleotide' (DA)(DT)(DT)(DC)(DT)(DG)(DC) C
4 'polydeoxyribonucleotide' (DG)(DC)(DA)(DG)(DA)(DA)(DT)(DG)(DG)(DG)(DC)(DA)(DG)(DA)(DC)(DA)(DT)(DT) D
#
# COMPACT_ATOMS: atom_id res chain seq x y z
N SER A 1 27.13 -10.34 -32.02
CA SER A 1 28.23 -10.87 -31.23
C SER A 1 27.76 -11.35 -29.84
N ASN A 2 27.12 -10.49 -29.05
CA ASN A 2 26.71 -10.88 -27.70
C ASN A 2 25.63 -11.98 -27.72
N ASP A 3 26.06 -13.25 -27.61
CA ASP A 3 25.16 -14.39 -27.59
C ASP A 3 25.05 -15.00 -26.19
N MET A 4 25.47 -14.26 -25.17
CA MET A 4 25.25 -14.66 -23.79
C MET A 4 23.81 -15.12 -23.58
N ASP A 5 23.66 -16.33 -23.06
CA ASP A 5 22.35 -16.80 -22.66
C ASP A 5 21.86 -15.99 -21.46
N PRO A 6 20.61 -15.54 -21.47
CA PRO A 6 20.06 -14.85 -20.29
C PRO A 6 20.12 -15.68 -19.00
N SER A 7 20.17 -17.01 -19.10
CA SER A 7 20.31 -17.82 -17.89
C SER A 7 21.57 -17.48 -17.12
N GLY A 8 22.62 -16.99 -17.81
CA GLY A 8 23.83 -16.55 -17.13
C GLY A 8 23.93 -15.05 -16.86
N TYR A 9 22.89 -14.28 -17.19
CA TYR A 9 22.94 -12.82 -16.98
C TYR A 9 23.28 -12.52 -15.52
N ASN A 10 24.21 -11.58 -15.29
CA ASN A 10 24.62 -11.27 -13.91
C ASN A 10 24.70 -9.76 -13.74
N PRO A 11 23.56 -9.10 -13.49
CA PRO A 11 23.59 -7.65 -13.25
C PRO A 11 24.20 -7.29 -11.92
N ALA A 12 24.60 -8.27 -11.12
CA ALA A 12 25.31 -7.95 -9.88
C ALA A 12 26.84 -8.01 -10.01
N LYS A 13 27.40 -8.25 -11.18
CA LYS A 13 28.85 -8.41 -11.23
C LYS A 13 29.55 -7.07 -11.02
N ASN A 14 30.82 -7.15 -10.60
CA ASN A 14 31.65 -5.95 -10.53
C ASN A 14 31.91 -5.39 -11.92
N ASN A 15 32.03 -4.08 -12.00
CA ASN A 15 32.42 -3.40 -13.22
C ASN A 15 31.48 -3.78 -14.37
N TYR A 16 30.19 -3.76 -14.06
CA TYR A 16 29.16 -4.10 -15.04
C TYR A 16 29.22 -3.17 -16.24
N HIS A 17 29.31 -3.73 -17.44
CA HIS A 17 29.30 -2.90 -18.64
C HIS A 17 27.93 -2.96 -19.31
N PRO A 18 27.23 -1.84 -19.44
CA PRO A 18 25.84 -1.91 -19.94
C PRO A 18 25.71 -2.60 -21.29
N VAL A 19 26.60 -2.39 -22.23
CA VAL A 19 26.44 -3.04 -23.52
C VAL A 19 26.86 -4.49 -23.44
N GLU A 20 28.10 -4.74 -23.06
CA GLU A 20 28.72 -6.05 -23.19
C GLU A 20 28.29 -7.04 -22.13
N ASP A 21 27.76 -6.58 -21.02
CA ASP A 21 27.31 -7.49 -19.97
C ASP A 21 25.80 -7.76 -20.04
N ALA A 22 25.09 -7.12 -20.96
CA ALA A 22 23.69 -7.44 -21.19
C ALA A 22 23.60 -8.85 -21.78
N CYS A 23 22.44 -9.48 -21.60
CA CYS A 23 22.17 -10.78 -22.19
C CYS A 23 21.27 -10.67 -23.40
N TRP A 24 21.31 -9.51 -24.06
CA TRP A 24 20.56 -9.32 -25.29
C TRP A 24 21.31 -8.30 -26.12
N LYS A 25 20.87 -8.15 -27.38
CA LYS A 25 21.62 -7.37 -28.35
C LYS A 25 20.97 -6.02 -28.55
N PRO A 26 21.72 -5.03 -29.03
CA PRO A 26 21.11 -3.72 -29.28
C PRO A 26 19.95 -3.88 -30.26
N GLY A 27 18.85 -3.20 -29.96
CA GLY A 27 17.65 -3.36 -30.74
C GLY A 27 16.81 -4.59 -30.40
N GLN A 28 17.26 -5.47 -29.54
CA GLN A 28 16.48 -6.66 -29.23
C GLN A 28 15.61 -6.35 -28.02
N LYS A 29 14.40 -6.87 -28.03
CA LYS A 29 13.55 -6.77 -26.85
C LYS A 29 14.29 -7.32 -25.64
N VAL A 30 14.19 -6.59 -24.54
CA VAL A 30 14.76 -7.10 -23.29
C VAL A 30 14.15 -8.45 -22.98
N PRO A 31 14.92 -9.51 -22.73
CA PRO A 31 14.30 -10.82 -22.39
C PRO A 31 13.72 -10.78 -20.98
N TYR A 32 12.57 -11.44 -20.80
CA TYR A 32 12.00 -11.45 -19.46
C TYR A 32 12.96 -12.11 -18.48
N LEU A 33 13.70 -13.14 -18.94
CA LEU A 33 14.68 -13.81 -18.11
C LEU A 33 15.74 -12.85 -17.60
N ALA A 34 16.06 -11.79 -18.35
CA ALA A 34 16.98 -10.78 -17.86
C ALA A 34 16.39 -10.07 -16.65
N VAL A 35 15.08 -9.82 -16.68
CA VAL A 35 14.42 -9.21 -15.55
C VAL A 35 14.33 -10.21 -14.38
N ALA A 36 14.04 -11.47 -14.67
CA ALA A 36 13.97 -12.48 -13.62
C ALA A 36 15.32 -12.68 -12.95
N ARG A 37 16.41 -12.70 -13.76
CA ARG A 37 17.75 -12.83 -13.19
C ARG A 37 18.12 -11.61 -12.35
N THR A 38 17.71 -10.42 -12.78
CA THR A 38 17.93 -9.26 -11.93
C THR A 38 17.18 -9.44 -10.62
N PHE A 39 15.92 -9.89 -10.71
CA PHE A 39 15.13 -10.13 -9.50
C PHE A 39 15.87 -11.10 -8.57
N GLU A 40 16.41 -12.18 -9.14
CA GLU A 40 17.17 -13.14 -8.33
C GLU A 40 18.33 -12.47 -7.63
N LYS A 41 19.10 -11.65 -8.35
CA LYS A 41 20.26 -11.02 -7.73
C LYS A 41 19.82 -10.04 -6.65
N ILE A 42 18.71 -9.35 -6.87
CA ILE A 42 18.22 -8.41 -5.88
C ILE A 42 17.73 -9.18 -4.64
N GLU A 43 17.05 -10.32 -4.86
CA GLU A 43 16.58 -11.16 -3.76
C GLU A 43 17.71 -11.64 -2.87
N GLU A 44 18.84 -12.02 -3.44
CA GLU A 44 19.94 -12.64 -2.70
C GLU A 44 20.60 -11.69 -1.70
N VAL A 45 20.31 -10.39 -1.77
CA VAL A 45 21.03 -9.42 -0.97
C VAL A 45 20.04 -8.66 -0.10
N SER A 46 20.55 -8.12 1.01
CA SER A 46 19.74 -7.34 1.94
C SER A 46 20.10 -5.86 1.99
N ALA A 47 21.28 -5.46 1.52
CA ALA A 47 21.64 -4.04 1.46
C ALA A 47 20.93 -3.39 0.28
N ARG A 48 19.99 -2.48 0.56
CA ARG A 48 19.28 -1.82 -0.53
C ARG A 48 20.21 -1.14 -1.51
N LEU A 49 21.38 -0.70 -1.07
CA LEU A 49 22.32 -0.04 -1.98
C LEU A 49 22.85 -1.03 -3.01
N ARG A 50 23.08 -2.27 -2.59
CA ARG A 50 23.44 -3.31 -3.54
C ARG A 50 22.28 -3.61 -4.48
N MET A 51 21.06 -3.70 -3.92
CA MET A 51 19.87 -3.93 -4.75
C MET A 51 19.73 -2.83 -5.80
N VAL A 52 19.90 -1.58 -5.38
CA VAL A 52 19.73 -0.44 -6.28
C VAL A 52 20.77 -0.50 -7.40
N GLU A 53 22.02 -0.81 -7.05
CA GLU A 53 23.05 -0.90 -8.07
C GLU A 53 22.75 -2.00 -9.08
N THR A 54 22.32 -3.15 -8.60
CA THR A 54 21.98 -4.26 -9.45
C THR A 54 20.89 -3.91 -10.44
N LEU A 55 19.79 -3.34 -9.95
CA LEU A 55 18.71 -2.91 -10.83
C LEU A 55 19.22 -1.85 -11.80
N SER A 56 19.98 -0.90 -11.28
CA SER A 56 20.54 0.14 -12.11
C SER A 56 21.33 -0.46 -13.27
N ASN A 57 22.11 -1.50 -13.01
CA ASN A 57 22.85 -2.12 -14.12
C ASN A 57 21.90 -2.59 -15.22
N LEU A 58 20.84 -3.31 -14.84
CA LEU A 58 19.83 -3.73 -15.81
C LEU A 58 19.29 -2.53 -16.57
N LEU A 59 18.94 -1.47 -15.83
CA LEU A 59 18.30 -0.31 -16.45
C LEU A 59 19.26 0.37 -17.40
N ARG A 60 20.54 0.48 -17.01
CA ARG A 60 21.51 1.07 -17.92
C ARG A 60 21.59 0.29 -19.21
N SER A 61 21.56 -1.04 -19.13
CA SER A 61 21.55 -1.84 -20.36
C SER A 61 20.28 -1.58 -21.17
N VAL A 62 19.14 -1.44 -20.49
CA VAL A 62 17.91 -1.16 -21.21
C VAL A 62 18.01 0.21 -21.86
N VAL A 63 18.51 1.20 -21.13
CA VAL A 63 18.65 2.52 -21.72
C VAL A 63 19.63 2.45 -22.90
N ALA A 64 20.72 1.69 -22.77
CA ALA A 64 21.74 1.68 -23.83
C ALA A 64 21.27 0.91 -25.06
N LEU A 65 20.56 -0.21 -24.87
CA LEU A 65 20.28 -1.14 -25.95
C LEU A 65 18.85 -1.14 -26.45
N SER A 66 17.86 -0.87 -25.54
CA SER A 66 16.44 -1.15 -25.81
C SER A 66 15.53 -0.11 -25.16
N PRO A 67 15.74 1.18 -25.43
CA PRO A 67 15.08 2.23 -24.67
C PRO A 67 13.57 2.08 -24.63
N PRO A 68 12.91 1.63 -25.70
CA PRO A 68 11.44 1.48 -25.61
C PRO A 68 11.02 0.50 -24.53
N ASP A 69 11.90 -0.39 -24.10
CA ASP A 69 11.51 -1.35 -23.06
C ASP A 69 11.70 -0.80 -21.66
N LEU A 70 12.22 0.43 -21.51
CA LEU A 70 12.49 0.94 -20.16
C LEU A 70 11.21 0.98 -19.34
N LEU A 71 10.13 1.46 -19.95
CA LEU A 71 8.87 1.60 -19.23
C LEU A 71 8.31 0.24 -18.80
N PRO A 72 8.19 -0.76 -19.68
CA PRO A 72 7.71 -2.08 -19.22
C PRO A 72 8.59 -2.69 -18.15
N VAL A 73 9.91 -2.51 -18.29
CA VAL A 73 10.81 -3.11 -17.31
C VAL A 73 10.59 -2.45 -15.96
N LEU A 74 10.41 -1.13 -15.94
CA LEU A 74 10.16 -0.46 -14.66
C LEU A 74 8.86 -0.93 -14.06
N TYR A 75 7.78 -0.92 -14.85
CA TYR A 75 6.50 -1.39 -14.33
C TYR A 75 6.60 -2.82 -13.84
N LEU A 76 7.32 -3.69 -14.58
CA LEU A 76 7.52 -5.05 -14.09
C LEU A 76 8.22 -5.02 -12.75
N SER A 77 9.18 -4.11 -12.58
CA SER A 77 9.95 -4.07 -11.35
C SER A 77 9.11 -3.55 -10.18
N LEU A 78 8.19 -2.62 -10.48
CA LEU A 78 7.28 -2.13 -9.46
C LEU A 78 6.11 -3.07 -9.25
N ASN A 79 5.93 -4.05 -10.14
CA ASN A 79 4.75 -4.90 -10.21
C ASN A 79 3.48 -4.04 -10.29
N HIS A 80 3.51 -3.04 -11.16
CA HIS A 80 2.31 -2.30 -11.52
C HIS A 80 2.03 -2.47 -13.00
N LEU A 81 0.83 -2.03 -13.39
CA LEU A 81 0.34 -2.17 -14.74
C LEU A 81 0.31 -0.85 -15.50
N GLY A 82 0.41 0.26 -14.79
CA GLY A 82 0.51 1.56 -15.38
C GLY A 82 0.37 2.60 -14.31
N PRO A 83 0.04 3.83 -14.69
CA PRO A 83 -0.12 4.90 -13.69
C PRO A 83 -1.28 4.60 -12.76
N PRO A 84 -1.15 4.96 -11.49
CA PRO A 84 -2.19 4.57 -10.50
C PRO A 84 -3.55 5.14 -10.77
N GLN A 85 -3.65 6.29 -11.46
CA GLN A 85 -4.95 6.86 -11.74
C GLN A 85 -5.66 6.15 -12.87
N GLN A 86 -5.00 5.23 -13.56
CA GLN A 86 -5.71 4.52 -14.62
C GLN A 86 -6.51 3.34 -14.10
N GLY A 87 -6.34 2.98 -12.83
CA GLY A 87 -7.16 1.96 -12.20
C GLY A 87 -7.15 0.61 -12.88
N LEU A 88 -6.03 0.26 -13.50
CA LEU A 88 -5.87 -1.04 -14.14
C LEU A 88 -5.53 -2.09 -13.09
N ALA A 89 -6.31 -3.16 -13.03
CA ALA A 89 -6.03 -4.22 -12.07
C ALA A 89 -6.13 -5.56 -12.77
N LEU A 90 -5.27 -6.49 -12.35
CA LEU A 90 -5.26 -7.82 -12.96
C LEU A 90 -6.62 -8.50 -12.81
N GLY A 91 -7.29 -8.29 -11.67
CA GLY A 91 -8.43 -9.12 -11.31
C GLY A 91 -8.03 -10.56 -11.06
N VAL A 92 -6.75 -10.77 -10.71
CA VAL A 92 -6.21 -12.10 -10.47
C VAL A 92 -5.61 -12.07 -9.08
N GLY A 93 -6.08 -12.98 -8.22
CA GLY A 93 -5.43 -13.27 -6.97
C GLY A 93 -4.96 -14.70 -6.94
N ASP A 94 -4.69 -15.18 -5.74
CA ASP A 94 -4.22 -16.54 -5.57
C ASP A 94 -5.24 -17.55 -6.08
N GLY A 95 -6.52 -17.22 -6.01
CA GLY A 95 -7.54 -18.10 -6.57
C GLY A 95 -7.36 -18.38 -8.05
N VAL A 96 -7.52 -17.35 -8.87
CA VAL A 96 -7.34 -17.55 -10.31
C VAL A 96 -5.94 -18.09 -10.60
N LEU A 97 -4.93 -17.62 -9.85
CA LEU A 97 -3.56 -18.03 -10.14
C LEU A 97 -3.35 -19.52 -9.89
N LEU A 98 -3.73 -20.02 -8.71
CA LEU A 98 -3.54 -21.44 -8.43
C LEU A 98 -4.37 -22.30 -9.37
N LYS A 99 -5.57 -21.84 -9.75
CA LYS A 99 -6.33 -22.63 -10.72
C LYS A 99 -5.59 -22.68 -12.06
N ALA A 100 -4.93 -21.59 -12.45
CA ALA A 100 -4.13 -21.62 -13.67
C ALA A 100 -2.97 -22.60 -13.55
N VAL A 101 -2.22 -22.53 -12.46
CA VAL A 101 -1.16 -23.50 -12.19
C VAL A 101 -1.68 -24.94 -12.28
N ALA A 102 -2.79 -25.23 -11.59
CA ALA A 102 -3.32 -26.59 -11.59
C ALA A 102 -3.49 -27.12 -13.01
N GLN A 103 -4.09 -26.31 -13.90
CA GLN A 103 -4.30 -26.76 -15.27
C GLN A 103 -2.99 -26.93 -16.01
N ALA A 104 -2.07 -25.96 -15.88
CA ALA A 104 -0.80 -26.03 -16.58
C ALA A 104 0.02 -27.25 -16.19
N THR A 105 -0.34 -27.91 -15.07
CA THR A 105 0.40 -29.05 -14.55
C THR A 105 -0.40 -30.33 -14.50
N GLY A 106 -1.71 -30.28 -14.74
CA GLY A 106 -2.55 -31.44 -14.65
C GLY A 106 -3.01 -31.77 -13.25
N ARG A 107 -2.44 -31.11 -12.23
CA ARG A 107 -2.69 -31.41 -10.83
C ARG A 107 -4.08 -30.97 -10.41
N GLN A 108 -4.56 -31.57 -9.32
CA GLN A 108 -5.79 -31.15 -8.68
C GLN A 108 -5.58 -29.82 -7.94
N LEU A 109 -6.62 -28.99 -7.93
CA LEU A 109 -6.49 -27.67 -7.37
C LEU A 109 -6.11 -27.72 -5.89
N GLU A 110 -6.64 -28.71 -5.15
CA GLU A 110 -6.33 -28.86 -3.73
C GLU A 110 -4.86 -29.15 -3.51
N SER A 111 -4.29 -30.01 -4.35
CA SER A 111 -2.87 -30.31 -4.19
C SER A 111 -2.03 -29.05 -4.36
N VAL A 112 -2.30 -28.28 -5.42
CA VAL A 112 -1.55 -27.05 -5.68
C VAL A 112 -1.77 -26.06 -4.54
N ARG A 113 -3.04 -25.91 -4.14
CA ARG A 113 -3.40 -25.04 -3.03
C ARG A 113 -2.62 -25.40 -1.77
N ALA A 114 -2.60 -26.68 -1.42
CA ALA A 114 -1.87 -27.14 -0.24
C ALA A 114 -0.39 -26.85 -0.36
N GLU A 115 0.22 -27.13 -1.51
CA GLU A 115 1.65 -26.88 -1.65
C GLU A 115 1.97 -25.39 -1.54
N ALA A 116 1.12 -24.54 -2.12
CA ALA A 116 1.35 -23.10 -2.04
C ALA A 116 1.34 -22.65 -0.60
N ALA A 117 0.32 -23.09 0.15
CA ALA A 117 0.22 -22.75 1.57
C ALA A 117 1.47 -23.19 2.32
N GLU A 118 1.86 -24.48 2.17
CA GLU A 118 3.02 -25.01 2.87
C GLU A 118 4.30 -24.24 2.50
N LYS A 119 4.54 -24.01 1.20
CA LYS A 119 5.76 -23.29 0.81
C LYS A 119 5.65 -21.80 1.04
N GLY A 120 4.44 -21.25 1.14
CA GLY A 120 4.28 -19.85 1.45
C GLY A 120 4.56 -18.94 0.29
N ASP A 121 4.50 -19.46 -0.93
CA ASP A 121 4.93 -18.72 -2.12
C ASP A 121 4.42 -19.42 -3.37
N VAL A 122 3.52 -18.75 -4.10
CA VAL A 122 3.00 -19.35 -5.33
C VAL A 122 4.12 -19.48 -6.39
N GLY A 123 5.15 -18.63 -6.31
CA GLY A 123 6.27 -18.72 -7.23
C GLY A 123 7.02 -20.03 -7.14
N LEU A 124 7.29 -20.49 -5.91
CA LEU A 124 7.94 -21.79 -5.77
C LEU A 124 7.08 -22.92 -6.31
N VAL A 125 5.75 -22.79 -6.19
CA VAL A 125 4.88 -23.83 -6.73
C VAL A 125 4.94 -23.84 -8.24
N ALA A 126 4.79 -22.67 -8.87
CA ALA A 126 4.76 -22.62 -10.33
C ALA A 126 6.10 -23.03 -10.94
N GLU A 127 7.19 -22.77 -10.23
CA GLU A 127 8.53 -23.09 -10.71
C GLU A 127 8.84 -24.58 -10.61
N ASN A 128 8.50 -25.20 -9.49
CA ASN A 128 8.76 -26.62 -9.31
C ASN A 128 7.66 -27.49 -9.87
N SER A 129 6.94 -27.00 -10.87
CA SER A 129 5.76 -27.67 -11.40
C SER A 129 6.06 -28.30 -12.77
N ARG A 130 5.71 -29.58 -12.91
CA ARG A 130 5.71 -30.24 -14.20
C ARG A 130 4.57 -29.75 -15.06
N SER A 131 4.91 -29.01 -16.13
CA SER A 131 3.96 -28.37 -17.05
C SER A 131 3.24 -29.37 -17.96
N THR A 132 2.49 -30.29 -17.38
CA THR A 132 1.69 -31.26 -18.14
C THR A 132 0.57 -30.55 -18.89
N PRO A 138 7.27 -25.49 -29.75
CA PRO A 138 8.17 -24.88 -28.76
C PRO A 138 8.11 -23.35 -28.78
N PRO A 139 7.80 -22.74 -27.64
CA PRO A 139 7.47 -21.31 -27.63
C PRO A 139 8.71 -20.46 -27.60
N PRO A 140 8.69 -19.33 -28.28
CA PRO A 140 9.82 -18.37 -28.23
C PRO A 140 10.05 -17.89 -26.81
N PRO A 141 11.26 -17.44 -26.46
CA PRO A 141 11.48 -16.91 -25.11
C PRO A 141 10.62 -15.68 -24.83
N LEU A 142 10.14 -15.61 -23.60
CA LEU A 142 9.41 -14.44 -23.13
C LEU A 142 10.26 -13.17 -23.19
N THR A 143 9.62 -12.06 -23.56
CA THR A 143 10.27 -10.77 -23.47
C THR A 143 9.59 -9.98 -22.37
N ALA A 144 10.30 -8.94 -21.89
CA ALA A 144 9.75 -8.11 -20.84
C ALA A 144 8.48 -7.41 -21.31
N SER A 145 8.50 -6.82 -22.49
CA SER A 145 7.35 -6.06 -22.93
C SER A 145 6.21 -7.00 -23.31
N GLY A 146 6.53 -8.18 -23.83
CA GLY A 146 5.52 -9.18 -24.12
C GLY A 146 4.82 -9.63 -22.84
N VAL A 147 5.61 -9.95 -21.80
CA VAL A 147 5.01 -10.33 -20.53
C VAL A 147 4.18 -9.18 -19.96
N PHE A 148 4.76 -7.98 -19.94
CA PHE A 148 4.02 -6.80 -19.50
C PHE A 148 2.71 -6.66 -20.26
N SER A 149 2.76 -6.83 -21.58
CA SER A 149 1.56 -6.60 -22.35
C SER A 149 0.52 -7.70 -22.12
N LYS A 150 0.96 -8.94 -21.83
CA LYS A 150 0.02 -9.99 -21.44
C LYS A 150 -0.61 -9.68 -20.08
N PHE A 151 0.17 -9.16 -19.12
CA PHE A 151 -0.41 -8.68 -17.88
C PHE A 151 -1.51 -7.66 -18.15
N ARG A 152 -1.24 -6.71 -19.03
CA ARG A 152 -2.26 -5.73 -19.35
C ARG A 152 -3.45 -6.37 -20.08
N ASP A 153 -3.21 -7.38 -20.94
CA ASP A 153 -4.31 -8.11 -21.56
C ASP A 153 -5.21 -8.74 -20.51
N ILE A 154 -4.59 -9.41 -19.52
CA ILE A 154 -5.32 -10.00 -18.40
C ILE A 154 -6.20 -8.94 -17.73
N ALA A 155 -5.60 -7.80 -17.39
CA ALA A 155 -6.33 -6.76 -16.68
C ALA A 155 -7.49 -6.23 -17.51
N ARG A 156 -7.39 -6.25 -18.83
CA ARG A 156 -8.44 -5.67 -19.66
C ARG A 156 -9.60 -6.63 -19.91
N LEU A 157 -9.45 -7.89 -19.54
CA LEU A 157 -10.46 -8.89 -19.82
C LEU A 157 -11.64 -8.72 -18.87
N THR A 158 -12.85 -8.70 -19.44
CA THR A 158 -14.02 -8.33 -18.69
C THR A 158 -15.19 -9.17 -19.18
N GLY A 159 -16.14 -9.45 -18.27
CA GLY A 159 -17.38 -10.10 -18.66
C GLY A 159 -17.38 -11.58 -18.39
N SER A 160 -18.44 -12.22 -18.91
CA SER A 160 -18.67 -13.63 -18.65
C SER A 160 -17.57 -14.45 -19.29
N ALA A 161 -17.20 -15.52 -18.61
CA ALA A 161 -16.10 -16.38 -19.02
C ALA A 161 -14.74 -15.65 -18.97
N SER A 162 -14.67 -14.40 -18.51
CA SER A 162 -13.38 -13.70 -18.49
C SER A 162 -12.34 -14.41 -17.61
N THR A 163 -12.78 -15.08 -16.55
CA THR A 163 -11.83 -15.76 -15.69
C THR A 163 -11.11 -16.86 -16.46
N ALA A 164 -11.88 -17.65 -17.25
CA ALA A 164 -11.25 -18.67 -18.08
C ALA A 164 -10.28 -18.05 -19.09
N LYS A 165 -10.58 -16.84 -19.58
CA LYS A 165 -9.71 -16.23 -20.57
C LYS A 165 -8.42 -15.75 -19.92
N LYS A 166 -8.48 -15.27 -18.67
CA LYS A 166 -7.27 -14.90 -17.93
C LYS A 166 -6.40 -16.12 -17.66
N ILE A 167 -7.04 -17.23 -17.28
CA ILE A 167 -6.28 -18.43 -16.98
C ILE A 167 -5.53 -18.89 -18.23
N ASP A 168 -6.17 -18.78 -19.40
CA ASP A 168 -5.53 -19.18 -20.66
C ASP A 168 -4.28 -18.33 -20.95
N ILE A 169 -4.39 -17.01 -20.86
CA ILE A 169 -3.21 -16.14 -20.96
C ILE A 169 -2.14 -16.55 -19.95
N ILE A 170 -2.56 -16.76 -18.70
CA ILE A 170 -1.59 -17.14 -17.67
C ILE A 170 -0.92 -18.46 -18.03
N LYS A 171 -1.69 -19.46 -18.46
CA LYS A 171 -1.09 -20.74 -18.83
C LYS A 171 -0.12 -20.58 -20.00
N GLY A 172 -0.48 -19.72 -20.96
CA GLY A 172 0.40 -19.43 -22.07
C GLY A 172 1.71 -18.87 -21.60
N LEU A 173 1.68 -18.01 -20.57
CA LEU A 173 2.91 -17.49 -19.98
C LEU A 173 3.75 -18.62 -19.40
N PHE A 174 3.13 -19.46 -18.59
CA PHE A 174 3.86 -20.48 -17.87
C PHE A 174 4.49 -21.49 -18.82
N VAL A 175 3.80 -21.80 -19.93
CA VAL A 175 4.34 -22.79 -20.84
C VAL A 175 5.56 -22.25 -21.61
N ALA A 176 5.72 -20.92 -21.70
CA ALA A 176 6.90 -20.32 -22.32
C ALA A 176 8.02 -20.00 -21.33
N CYS A 177 7.78 -20.18 -20.02
CA CYS A 177 8.76 -19.85 -18.98
C CYS A 177 9.97 -20.79 -18.96
N ARG A 178 11.14 -20.19 -18.77
CA ARG A 178 12.40 -20.92 -18.59
C ARG A 178 13.00 -20.53 -17.26
N HIS A 179 13.76 -21.47 -16.68
CA HIS A 179 14.53 -21.18 -15.48
C HIS A 179 13.64 -20.58 -14.39
N SER A 180 13.94 -19.38 -13.93
CA SER A 180 13.23 -18.75 -12.82
C SER A 180 12.05 -17.88 -13.27
N GLU A 181 11.72 -17.86 -14.55
CA GLU A 181 10.67 -16.96 -15.04
C GLU A 181 9.31 -17.26 -14.39
N ALA A 182 8.96 -18.54 -14.29
CA ALA A 182 7.65 -18.92 -13.73
C ALA A 182 7.50 -18.43 -12.30
N ARG A 183 8.56 -18.53 -11.50
CA ARG A 183 8.52 -18.04 -10.12
C ARG A 183 8.09 -16.57 -10.07
N PHE A 184 8.64 -15.76 -10.96
CA PHE A 184 8.36 -14.33 -10.88
C PHE A 184 7.10 -13.93 -11.62
N ILE A 185 6.73 -14.65 -12.68
CA ILE A 185 5.40 -14.46 -13.26
C ILE A 185 4.32 -14.73 -12.20
N ALA A 186 4.43 -15.86 -11.49
CA ALA A 186 3.41 -16.20 -10.50
C ALA A 186 3.40 -15.18 -9.37
N ARG A 187 4.58 -14.88 -8.81
CA ARG A 187 4.65 -13.86 -7.79
C ARG A 187 4.10 -12.54 -8.30
N SER A 188 4.30 -12.22 -9.59
CA SER A 188 3.76 -10.96 -10.07
C SER A 188 2.25 -10.97 -10.07
N LEU A 189 1.66 -12.07 -10.54
CA LEU A 189 0.22 -12.21 -10.62
C LEU A 189 -0.40 -12.26 -9.23
N SER A 190 0.28 -12.86 -8.27
CA SER A 190 -0.27 -12.85 -6.92
C SER A 190 -0.07 -11.52 -6.21
N GLY A 191 0.77 -10.62 -6.72
CA GLY A 191 0.92 -9.30 -6.16
C GLY A 191 2.07 -9.12 -5.19
N ARG A 192 2.85 -10.17 -4.92
CA ARG A 192 3.97 -10.12 -3.96
C ARG A 192 5.26 -10.62 -4.62
N LEU A 193 6.04 -9.68 -5.16
CA LEU A 193 7.37 -9.99 -5.71
C LEU A 193 8.38 -10.37 -4.62
N ARG A 194 8.34 -9.69 -3.48
CA ARG A 194 9.19 -10.00 -2.34
C ARG A 194 10.68 -9.81 -2.64
N LEU A 195 11.02 -8.73 -3.35
CA LEU A 195 12.43 -8.55 -3.67
C LEU A 195 13.21 -7.90 -2.54
N GLY A 196 12.54 -7.17 -1.65
CA GLY A 196 13.26 -6.22 -0.83
C GLY A 196 13.46 -4.90 -1.54
N LEU A 197 12.79 -4.69 -2.65
CA LEU A 197 13.02 -3.50 -3.45
C LEU A 197 11.68 -3.08 -4.05
N ALA A 198 11.27 -1.84 -3.76
CA ALA A 198 9.99 -1.35 -4.28
C ALA A 198 10.20 0.06 -4.79
N GLU A 199 9.16 0.90 -4.72
CA GLU A 199 9.17 2.14 -5.48
C GLU A 199 10.41 3.02 -5.18
N GLN A 200 10.72 3.26 -3.89
CA GLN A 200 11.86 4.16 -3.60
C GLN A 200 13.15 3.63 -4.21
N SER A 201 13.36 2.32 -4.16
CA SER A 201 14.58 1.77 -4.69
C SER A 201 14.54 1.69 -6.21
N VAL A 202 13.37 1.51 -6.80
CA VAL A 202 13.29 1.56 -8.24
C VAL A 202 13.62 2.97 -8.73
N LEU A 203 13.11 3.98 -8.03
CA LEU A 203 13.44 5.36 -8.41
C LEU A 203 14.94 5.62 -8.26
N ALA A 204 15.52 5.25 -7.13
CA ALA A 204 16.97 5.43 -6.98
C ALA A 204 17.72 4.73 -8.10
N ALA A 205 17.28 3.54 -8.49
CA ALA A 205 17.98 2.77 -9.52
C ALA A 205 17.88 3.46 -10.87
N LEU A 206 16.71 4.02 -11.15
CA LEU A 206 16.44 4.73 -12.38
C LEU A 206 17.25 6.02 -12.46
N SER A 207 17.21 6.85 -11.42
CA SER A 207 18.00 8.08 -11.48
C SER A 207 19.48 7.74 -11.59
N GLN A 208 19.93 6.72 -10.87
CA GLN A 208 21.33 6.32 -10.98
C GLN A 208 21.65 5.88 -12.40
N ALA A 209 20.80 5.00 -12.96
CA ALA A 209 20.99 4.50 -14.31
C ALA A 209 21.08 5.63 -15.33
N VAL A 210 20.09 6.53 -15.34
CA VAL A 210 20.12 7.54 -16.38
C VAL A 210 21.17 8.60 -16.09
N SER A 211 21.68 8.67 -14.85
CA SER A 211 22.80 9.58 -14.60
C SER A 211 24.12 8.97 -15.08
N LEU A 212 24.34 7.68 -14.80
CA LEU A 212 25.59 7.06 -15.24
C LEU A 212 25.60 6.83 -16.75
N THR A 213 24.43 6.49 -17.33
CA THR A 213 24.32 6.15 -18.76
C THR A 213 23.26 7.03 -19.37
N PRO A 214 23.63 8.24 -19.80
CA PRO A 214 22.64 9.19 -20.24
C PRO A 214 21.84 8.62 -21.40
N PRO A 215 20.52 8.73 -21.33
CA PRO A 215 19.69 8.35 -22.47
C PRO A 215 19.96 9.25 -23.66
N GLY A 216 19.76 8.70 -24.84
CA GLY A 216 19.64 9.50 -26.04
C GLY A 216 20.92 9.71 -26.80
N GLN A 217 22.00 9.06 -26.41
CA GLN A 217 23.23 9.15 -27.17
C GLN A 217 23.14 8.29 -28.42
N GLU A 218 23.98 8.62 -29.37
CA GLU A 218 24.16 7.76 -30.54
C GLU A 218 24.79 6.45 -30.09
N PHE A 219 24.33 5.35 -30.69
CA PHE A 219 24.90 4.06 -30.36
C PHE A 219 26.21 3.78 -31.12
N PRO A 220 27.21 3.19 -30.44
CA PRO A 220 27.21 2.82 -29.01
C PRO A 220 27.51 4.04 -28.15
N PRO A 221 26.92 4.14 -26.95
CA PRO A 221 27.02 5.39 -26.19
C PRO A 221 28.47 5.66 -25.79
N ALA A 222 28.95 6.85 -26.14
CA ALA A 222 30.30 7.22 -25.72
C ALA A 222 30.37 7.39 -24.21
N MET A 223 29.30 7.88 -23.60
CA MET A 223 29.22 8.07 -22.14
C MET A 223 28.42 6.90 -21.57
N VAL A 224 29.12 5.85 -21.15
CA VAL A 224 28.45 4.74 -20.47
C VAL A 224 28.53 4.84 -18.95
N ASP A 225 29.52 5.56 -18.42
CA ASP A 225 29.67 5.68 -16.95
C ASP A 225 30.12 7.10 -16.63
N ALA A 226 29.17 8.02 -16.49
CA ALA A 226 29.50 9.43 -16.21
C ALA A 226 30.00 9.63 -14.80
N GLY A 227 30.02 8.60 -13.97
CA GLY A 227 30.64 8.76 -12.68
C GLY A 227 32.15 8.65 -12.68
N LYS A 228 32.71 8.14 -13.78
CA LYS A 228 34.10 7.73 -13.79
C LYS A 228 35.04 8.92 -13.61
N GLY A 229 34.62 10.11 -14.04
CA GLY A 229 35.46 11.29 -13.88
C GLY A 229 35.38 11.95 -12.52
N LYS A 230 34.58 11.40 -11.61
CA LYS A 230 34.31 12.03 -10.34
C LYS A 230 35.01 11.28 -9.21
N THR A 231 35.43 12.00 -8.17
CA THR A 231 35.85 11.32 -6.96
C THR A 231 34.67 10.56 -6.38
N ALA A 232 34.99 9.61 -5.50
CA ALA A 232 33.94 8.84 -4.83
C ALA A 232 32.93 9.76 -4.16
N GLU A 233 33.43 10.75 -3.42
CA GLU A 233 32.56 11.68 -2.70
C GLU A 233 31.76 12.55 -3.66
N ALA A 234 32.39 13.08 -4.73
CA ALA A 234 31.57 13.86 -5.67
C ALA A 234 30.58 12.98 -6.41
N ARG A 235 30.94 11.72 -6.69
CA ARG A 235 29.97 10.83 -7.32
C ARG A 235 28.75 10.63 -6.41
N LYS A 236 28.98 10.37 -5.12
CA LYS A 236 27.87 10.16 -4.20
C LYS A 236 26.97 11.40 -4.12
N THR A 237 27.59 12.57 -3.96
CA THR A 237 26.82 13.80 -3.89
C THR A 237 26.00 14.02 -5.15
N TRP A 238 26.60 13.76 -6.30
CA TRP A 238 25.90 13.97 -7.55
C TRP A 238 24.73 12.98 -7.71
N LEU A 239 24.96 11.70 -7.39
CA LEU A 239 23.86 10.74 -7.51
C LEU A 239 22.73 11.07 -6.54
N GLU A 240 23.08 11.53 -5.34
CA GLU A 240 22.04 11.94 -4.38
C GLU A 240 21.22 13.09 -4.95
N GLU A 241 21.87 14.07 -5.58
CA GLU A 241 21.14 15.20 -6.13
C GLU A 241 20.29 14.78 -7.33
N GLN A 242 20.85 13.99 -8.24
CA GLN A 242 20.01 13.51 -9.33
C GLN A 242 18.86 12.67 -8.79
N GLY A 243 19.12 11.83 -7.79
CA GLY A 243 18.06 11.02 -7.22
C GLY A 243 16.95 11.88 -6.62
N MET A 244 17.33 12.94 -5.89
CA MET A 244 16.34 13.86 -5.32
C MET A 244 15.53 14.54 -6.41
N ILE A 245 16.14 14.89 -7.54
CA ILE A 245 15.37 15.48 -8.63
C ILE A 245 14.32 14.51 -9.12
N LEU A 246 14.70 13.24 -9.29
CA LEU A 246 13.74 12.30 -9.85
C LEU A 246 12.63 12.03 -8.85
N LYS A 247 13.00 11.86 -7.58
CA LYS A 247 12.02 11.57 -6.54
C LYS A 247 11.08 12.75 -6.30
N GLN A 248 11.61 13.98 -6.28
CA GLN A 248 10.67 15.07 -6.01
C GLN A 248 9.74 15.24 -7.19
N THR A 249 10.25 15.04 -8.40
CA THR A 249 9.38 15.09 -9.54
C THR A 249 8.33 13.98 -9.47
N PHE A 250 8.75 12.77 -9.14
CA PHE A 250 7.82 11.65 -9.13
C PHE A 250 6.74 11.83 -8.05
N CYS A 251 7.08 12.38 -6.89
CA CYS A 251 6.05 12.54 -5.88
CA CYS A 251 6.05 12.54 -5.88
CA CYS A 251 6.09 12.61 -5.84
C CYS A 251 5.01 13.57 -6.29
N GLU A 252 5.37 14.53 -7.16
CA GLU A 252 4.38 15.48 -7.69
C GLU A 252 3.71 14.94 -8.93
N VAL A 253 4.39 14.09 -9.68
CA VAL A 253 3.85 13.49 -10.91
C VAL A 253 4.17 12.00 -10.91
N PRO A 254 3.41 11.17 -10.10
CA PRO A 254 3.77 9.75 -9.92
C PRO A 254 3.29 8.91 -11.09
N ASP A 255 3.80 9.24 -12.27
CA ASP A 255 3.29 8.70 -13.53
C ASP A 255 4.50 8.46 -14.43
N LEU A 256 5.00 7.23 -14.44
CA LEU A 256 6.12 6.90 -15.31
C LEU A 256 5.78 7.12 -16.78
N ASP A 257 4.51 6.91 -17.18
CA ASP A 257 4.17 7.18 -18.59
C ASP A 257 4.49 8.61 -18.99
N ARG A 258 4.43 9.53 -18.04
CA ARG A 258 4.79 10.92 -18.29
C ARG A 258 6.28 11.16 -18.08
N ILE A 259 6.84 10.53 -17.06
CA ILE A 259 8.22 10.86 -16.69
C ILE A 259 9.21 10.24 -17.67
N ILE A 260 8.99 8.97 -18.08
CA ILE A 260 10.01 8.23 -18.85
C ILE A 260 10.27 8.89 -20.20
N PRO A 261 9.24 9.21 -21.02
CA PRO A 261 9.52 9.94 -22.28
C PRO A 261 10.29 11.22 -22.05
N VAL A 262 9.94 11.99 -21.01
CA VAL A 262 10.72 13.21 -20.76
C VAL A 262 12.15 12.86 -20.37
N LEU A 263 12.32 11.80 -19.58
CA LEU A 263 13.67 11.36 -19.22
C LEU A 263 14.46 10.98 -20.47
N LEU A 264 13.87 10.10 -21.30
CA LEU A 264 14.56 9.56 -22.46
C LEU A 264 14.93 10.66 -23.45
N GLU A 265 14.08 11.67 -23.58
CA GLU A 265 14.28 12.72 -24.57
C GLU A 265 15.08 13.89 -24.04
N HIS A 266 14.78 14.38 -22.84
CA HIS A 266 15.46 15.56 -22.32
C HIS A 266 16.42 15.30 -21.17
N GLY A 267 16.53 14.06 -20.68
CA GLY A 267 17.43 13.76 -19.57
C GLY A 267 16.92 14.22 -18.22
N LEU A 268 17.57 13.70 -17.18
CA LEU A 268 17.06 13.86 -15.81
C LEU A 268 17.23 15.28 -15.27
N GLU A 269 18.32 15.94 -15.62
CA GLU A 269 18.58 17.26 -15.04
C GLU A 269 17.54 18.29 -15.48
N ARG A 270 16.95 18.09 -16.66
CA ARG A 270 15.90 18.97 -17.18
C ARG A 270 14.50 18.43 -16.94
N LEU A 271 14.35 17.35 -16.15
CA LEU A 271 13.02 16.81 -15.86
C LEU A 271 12.08 17.84 -15.22
N PRO A 272 12.48 18.59 -14.20
CA PRO A 272 11.53 19.52 -13.57
C PRO A 272 10.97 20.56 -14.54
N GLU A 273 11.66 20.82 -15.65
CA GLU A 273 11.14 21.76 -16.64
C GLU A 273 10.02 21.15 -17.48
N HIS A 274 9.93 19.82 -17.58
CA HIS A 274 8.88 19.21 -18.38
C HIS A 274 7.79 18.50 -17.56
N CYS A 275 8.02 18.16 -16.29
CA CYS A 275 7.01 17.53 -15.45
C CYS A 275 6.85 18.32 -14.16
N LYS A 276 5.71 18.93 -13.97
CA LYS A 276 5.47 19.64 -12.72
C LYS A 276 4.10 19.29 -12.16
N LEU A 277 3.96 19.47 -10.84
CA LEU A 277 2.66 19.38 -10.20
C LEU A 277 1.62 20.15 -11.01
N SER A 278 0.50 19.49 -11.32
CA SER A 278 -0.60 20.19 -11.94
C SER A 278 -1.91 19.49 -11.61
N PRO A 279 -2.99 20.25 -11.47
CA PRO A 279 -4.28 19.63 -11.16
C PRO A 279 -4.68 18.63 -12.25
N GLY A 280 -5.24 17.51 -11.81
CA GLY A 280 -5.65 16.46 -12.71
C GLY A 280 -4.71 15.28 -12.73
N ILE A 281 -3.50 15.45 -12.21
CA ILE A 281 -2.56 14.36 -11.99
C ILE A 281 -2.39 14.22 -10.49
N PRO A 282 -2.82 13.11 -9.88
CA PRO A 282 -2.71 13.02 -8.42
C PRO A 282 -1.25 13.10 -8.01
N LEU A 283 -1.02 13.62 -6.81
CA LEU A 283 0.31 13.61 -6.23
C LEU A 283 0.34 12.71 -5.02
N LYS A 284 1.54 12.30 -4.64
CA LYS A 284 1.75 11.50 -3.43
C LYS A 284 1.34 12.29 -2.19
N PRO A 285 0.52 11.71 -1.31
CA PRO A 285 0.05 12.45 -0.12
C PRO A 285 1.09 12.49 0.99
N MET A 286 1.04 13.55 1.78
CA MET A 286 1.82 13.54 3.01
C MET A 286 1.24 12.52 3.98
N LEU A 287 2.11 11.76 4.61
CA LEU A 287 1.72 10.68 5.52
C LEU A 287 2.16 11.05 6.93
N ALA A 288 1.81 10.19 7.88
CA ALA A 288 1.99 10.48 9.30
C ALA A 288 2.74 9.31 9.96
N HIS A 289 3.64 9.66 11.00
CA HIS A 289 4.21 8.62 11.87
C HIS A 289 3.40 8.51 13.15
N PRO A 290 3.26 7.31 13.70
CA PRO A 290 2.58 7.18 14.99
C PRO A 290 3.46 7.74 16.10
N THR A 291 2.82 8.37 17.07
CA THR A 291 3.45 8.74 18.33
C THR A 291 2.71 8.08 19.48
N ARG A 292 3.43 7.76 20.55
CA ARG A 292 2.85 7.02 21.66
C ARG A 292 2.46 7.90 22.83
N GLY A 293 2.37 9.20 22.65
CA GLY A 293 1.91 10.08 23.70
C GLY A 293 2.28 11.51 23.41
N ILE A 294 1.66 12.40 24.18
CA ILE A 294 1.86 13.81 23.94
C ILE A 294 3.31 14.20 24.20
N SER A 295 3.91 13.69 25.28
CA SER A 295 5.33 13.94 25.54
C SER A 295 6.18 13.60 24.33
N GLU A 296 5.89 12.47 23.67
CA GLU A 296 6.65 12.14 22.47
C GLU A 296 6.46 13.22 21.41
N VAL A 297 5.30 13.87 21.39
CA VAL A 297 5.06 14.87 20.36
C VAL A 297 5.92 16.10 20.61
N LEU A 298 5.90 16.59 21.85
CA LEU A 298 6.72 17.75 22.23
C LEU A 298 8.21 17.52 22.00
N LYS A 299 8.69 16.27 22.10
CA LYS A 299 10.11 16.03 21.88
C LYS A 299 10.45 15.91 20.39
N ARG A 300 9.69 15.09 19.66
CA ARG A 300 9.95 14.95 18.22
C ARG A 300 9.89 16.29 17.51
N PHE A 301 9.15 17.25 18.06
CA PHE A 301 9.02 18.55 17.43
C PHE A 301 9.89 19.62 18.07
N GLU A 302 10.33 19.41 19.31
CA GLU A 302 11.35 20.26 19.92
C GLU A 302 10.83 21.68 20.12
N GLU A 303 11.35 22.61 19.35
CA GLU A 303 10.97 24.02 19.47
C GLU A 303 10.03 24.46 18.36
N ALA A 304 9.71 23.58 17.42
CA ALA A 304 8.85 23.93 16.29
C ALA A 304 7.42 24.14 16.77
N ALA A 305 6.87 25.32 16.49
CA ALA A 305 5.44 25.51 16.69
C ALA A 305 4.68 24.51 15.84
N PHE A 306 3.60 23.96 16.38
CA PHE A 306 2.85 22.96 15.67
C PHE A 306 1.38 23.19 15.95
N THR A 307 0.54 22.51 15.16
CA THR A 307 -0.90 22.56 15.31
C THR A 307 -1.44 21.14 15.47
N CYS A 308 -2.53 21.03 16.20
CA CYS A 308 -3.26 19.78 16.34
C CYS A 308 -4.56 19.87 15.59
N GLU A 309 -4.91 18.80 14.89
CA GLU A 309 -6.15 18.74 14.15
C GLU A 309 -6.85 17.42 14.46
N TYR A 310 -8.18 17.46 14.51
CA TYR A 310 -8.94 16.22 14.54
C TYR A 310 -8.49 15.30 13.42
N LYS A 311 -8.34 14.02 13.73
CA LYS A 311 -8.05 13.00 12.74
C LYS A 311 -9.40 12.35 12.39
N TYR A 312 -9.99 12.78 11.28
CA TYR A 312 -11.31 12.29 10.89
C TYR A 312 -11.22 10.86 10.35
N ASP A 313 -12.28 10.08 10.54
CA ASP A 313 -12.26 8.65 10.21
C ASP A 313 -13.11 8.46 8.95
N GLY A 314 -12.53 8.78 7.79
CA GLY A 314 -13.20 8.56 6.53
C GLY A 314 -12.20 8.04 5.53
N GLN A 315 -12.24 8.59 4.31
CA GLN A 315 -11.29 8.24 3.28
CA GLN A 315 -11.31 8.25 3.25
C GLN A 315 -10.63 9.53 2.79
N ARG A 316 -9.32 9.45 2.51
CA ARG A 316 -8.65 10.64 2.01
C ARG A 316 -9.20 11.00 0.65
N ALA A 317 -9.48 12.28 0.45
CA ALA A 317 -9.97 12.73 -0.86
C ALA A 317 -9.10 13.89 -1.31
N GLN A 318 -8.26 13.64 -2.32
CA GLN A 318 -7.45 14.70 -2.92
C GLN A 318 -8.30 15.29 -4.05
N ILE A 319 -8.79 16.50 -3.84
CA ILE A 319 -9.72 17.17 -4.76
C ILE A 319 -8.95 18.13 -5.66
N HIS A 320 -8.99 17.86 -6.97
CA HIS A 320 -8.34 18.70 -7.98
C HIS A 320 -9.41 19.48 -8.73
N ALA A 321 -9.19 20.79 -8.89
CA ALA A 321 -10.02 21.63 -9.76
C ALA A 321 -9.07 22.23 -10.78
N LEU A 322 -9.19 21.76 -12.02
CA LEU A 322 -8.31 22.18 -13.11
C LEU A 322 -8.71 23.57 -13.61
N GLU A 323 -7.76 24.27 -14.23
CA GLU A 323 -8.15 25.49 -14.91
C GLU A 323 -9.17 25.10 -15.98
N GLY A 324 -10.27 25.81 -16.02
CA GLY A 324 -11.31 25.46 -16.96
C GLY A 324 -12.48 24.71 -16.37
N GLY A 325 -12.36 24.19 -15.15
CA GLY A 325 -13.51 23.76 -14.39
C GLY A 325 -13.61 22.27 -14.11
N GLU A 326 -12.83 21.44 -14.78
CA GLU A 326 -12.92 20.01 -14.55
C GLU A 326 -12.49 19.69 -13.12
N VAL A 327 -13.26 18.84 -12.44
CA VAL A 327 -12.98 18.43 -11.07
C VAL A 327 -12.66 16.94 -11.07
N LYS A 328 -11.54 16.56 -10.44
CA LYS A 328 -11.17 15.17 -10.25
C LYS A 328 -10.97 14.93 -8.76
N ILE A 329 -11.26 13.71 -8.31
CA ILE A 329 -11.02 13.33 -6.92
C ILE A 329 -10.19 12.06 -6.88
N PHE A 330 -9.11 12.09 -6.13
CA PHE A 330 -8.20 10.96 -6.09
C PHE A 330 -8.06 10.39 -4.69
N SER A 331 -7.84 9.08 -4.63
CA SER A 331 -7.68 8.44 -3.34
C SER A 331 -6.26 8.66 -2.82
N ARG A 332 -6.07 8.26 -1.57
CA ARG A 332 -4.76 8.26 -0.94
C ARG A 332 -3.71 7.52 -1.76
N ASN A 333 -4.14 6.62 -2.63
CA ASN A 333 -3.24 5.84 -3.46
C ASN A 333 -3.27 6.31 -4.90
N GLN A 334 -3.71 7.54 -5.14
CA GLN A 334 -3.74 8.14 -6.47
C GLN A 334 -4.73 7.45 -7.39
N ALA A 335 -5.66 6.67 -6.86
CA ALA A 335 -6.69 6.14 -7.73
C ALA A 335 -7.72 7.24 -8.01
N ASP A 336 -8.30 7.19 -9.22
CA ASP A 336 -9.30 8.18 -9.61
C ASP A 336 -10.64 7.77 -9.02
N ASN A 337 -11.12 8.48 -7.99
CA ASN A 337 -12.41 8.29 -7.35
C ASN A 337 -13.49 9.26 -7.84
N THR A 338 -13.24 9.98 -8.95
CA THR A 338 -14.18 11.00 -9.38
C THR A 338 -15.59 10.43 -9.52
N GLY A 339 -15.72 9.32 -10.25
CA GLY A 339 -17.04 8.74 -10.47
C GLY A 339 -17.75 8.32 -9.19
N LYS A 340 -17.02 8.20 -8.08
CA LYS A 340 -17.63 7.83 -6.80
C LYS A 340 -18.36 8.98 -6.13
N TYR A 341 -18.09 10.23 -6.52
CA TYR A 341 -18.41 11.40 -5.69
C TYR A 341 -19.12 12.49 -6.47
N PRO A 342 -20.20 12.16 -7.20
CA PRO A 342 -20.95 13.23 -7.88
C PRO A 342 -21.43 14.30 -6.92
N ASP A 343 -21.75 13.93 -5.68
CA ASP A 343 -22.19 14.93 -4.74
C ASP A 343 -21.08 15.96 -4.50
N ILE A 344 -19.83 15.53 -4.49
CA ILE A 344 -18.74 16.46 -4.22
C ILE A 344 -18.49 17.33 -5.43
N ILE A 345 -18.48 16.74 -6.62
CA ILE A 345 -18.30 17.52 -7.83
C ILE A 345 -19.32 18.63 -7.91
N SER A 346 -20.57 18.33 -7.61
CA SER A 346 -21.58 19.36 -7.73
C SER A 346 -21.50 20.39 -6.61
N ARG A 347 -20.73 20.14 -5.56
CA ARG A 347 -20.61 21.13 -4.50
C ARG A 347 -19.35 21.98 -4.61
N ILE A 348 -18.43 21.67 -5.49
CA ILE A 348 -17.25 22.51 -5.66
C ILE A 348 -17.60 23.99 -5.81
N PRO A 349 -18.59 24.38 -6.62
CA PRO A 349 -18.91 25.82 -6.77
C PRO A 349 -19.12 26.52 -5.45
N LYS A 350 -19.66 25.82 -4.47
CA LYS A 350 -20.01 26.36 -3.17
C LYS A 350 -18.79 26.56 -2.25
N ILE A 351 -17.64 25.95 -2.56
CA ILE A 351 -16.57 25.89 -1.57
C ILE A 351 -15.46 26.94 -1.78
N LYS A 352 -15.49 27.69 -2.88
CA LYS A 352 -14.38 28.56 -3.24
C LYS A 352 -14.86 29.97 -3.56
N LEU A 353 -14.01 30.96 -3.31
CA LEU A 353 -14.31 32.32 -3.72
C LEU A 353 -14.32 32.42 -5.25
N PRO A 354 -15.02 33.42 -5.80
CA PRO A 354 -15.05 33.58 -7.26
C PRO A 354 -13.68 33.75 -7.91
N SER A 355 -12.65 34.18 -7.17
CA SER A 355 -11.30 34.31 -7.72
C SER A 355 -10.55 32.99 -7.84
N VAL A 356 -11.05 31.90 -7.28
CA VAL A 356 -10.29 30.66 -7.29
C VAL A 356 -10.47 29.99 -8.64
N THR A 357 -9.38 29.83 -9.38
CA THR A 357 -9.47 29.25 -10.71
C THR A 357 -8.93 27.84 -10.80
N SER A 358 -8.20 27.37 -9.78
CA SER A 358 -7.78 25.98 -9.74
C SER A 358 -7.19 25.74 -8.38
N PHE A 359 -7.11 24.47 -7.98
CA PHE A 359 -6.60 24.12 -6.68
C PHE A 359 -6.39 22.61 -6.64
N ILE A 360 -5.61 22.19 -5.65
CA ILE A 360 -5.56 20.82 -5.19
C ILE A 360 -5.76 20.89 -3.68
N LEU A 361 -6.85 20.28 -3.21
CA LEU A 361 -7.22 20.22 -1.78
C LEU A 361 -6.96 18.85 -1.21
N ASP A 362 -6.48 18.84 0.02
CA ASP A 362 -6.23 17.62 0.77
C ASP A 362 -7.32 17.58 1.84
N THR A 363 -8.22 16.60 1.75
CA THR A 363 -9.38 16.56 2.64
C THR A 363 -9.64 15.12 3.06
N GLU A 364 -10.50 14.97 4.06
CA GLU A 364 -11.07 13.68 4.41
C GLU A 364 -12.56 13.73 4.10
N ALA A 365 -13.02 12.75 3.35
CA ALA A 365 -14.42 12.55 3.09
C ALA A 365 -14.94 11.65 4.20
N VAL A 366 -15.89 12.17 4.97
CA VAL A 366 -16.45 11.49 6.13
C VAL A 366 -17.94 11.27 5.89
N ALA A 367 -18.40 10.06 6.19
CA ALA A 367 -19.85 9.81 6.11
C ALA A 367 -20.58 10.72 7.09
N TRP A 368 -21.68 11.31 6.62
CA TRP A 368 -22.32 12.40 7.32
C TRP A 368 -23.82 12.22 7.32
N ASP A 369 -24.41 12.19 8.49
CA ASP A 369 -25.86 12.07 8.63
C ASP A 369 -26.46 13.47 8.60
N ARG A 370 -27.20 13.79 7.53
CA ARG A 370 -27.75 15.14 7.45
C ARG A 370 -28.92 15.33 8.41
N GLU A 371 -29.70 14.27 8.64
CA GLU A 371 -30.77 14.30 9.64
C GLU A 371 -30.23 14.73 11.02
N LYS A 372 -29.26 14.00 11.55
CA LYS A 372 -28.72 14.27 12.88
C LYS A 372 -27.61 15.32 12.89
N LYS A 373 -27.13 15.74 11.71
CA LYS A 373 -25.95 16.60 11.59
C LYS A 373 -24.79 16.06 12.43
N GLN A 374 -24.42 14.82 12.14
CA GLN A 374 -23.25 14.31 12.82
C GLN A 374 -22.53 13.31 11.94
N ILE A 375 -21.27 13.08 12.31
CA ILE A 375 -20.38 12.16 11.62
C ILE A 375 -20.89 10.75 11.80
N GLN A 376 -20.82 9.95 10.74
CA GLN A 376 -21.09 8.53 10.78
C GLN A 376 -19.79 7.73 10.67
N PRO A 377 -19.80 6.47 11.10
CA PRO A 377 -18.54 5.71 11.14
C PRO A 377 -18.04 5.38 9.74
N PHE A 378 -16.72 5.14 9.69
CA PHE A 378 -16.07 4.70 8.46
C PHE A 378 -16.81 3.55 7.80
N GLN A 379 -17.32 2.59 8.60
CA GLN A 379 -18.01 1.45 8.03
C GLN A 379 -19.19 1.91 7.17
N VAL A 380 -19.89 2.97 7.60
CA VAL A 380 -21.00 3.49 6.80
C VAL A 380 -20.48 4.10 5.51
N LEU A 381 -19.38 4.85 5.58
CA LEU A 381 -18.78 5.38 4.36
C LEU A 381 -18.54 4.28 3.33
N THR A 382 -18.12 3.08 3.77
CA THR A 382 -17.76 2.02 2.84
C THR A 382 -18.98 1.40 2.15
N THR A 383 -20.20 1.76 2.55
CA THR A 383 -21.35 1.24 1.83
C THR A 383 -21.75 2.12 0.66
N ARG A 384 -20.99 3.17 0.34
CA ARG A 384 -21.28 3.96 -0.86
C ARG A 384 -20.94 3.14 -2.10
N LYS A 385 -21.75 3.35 -3.14
CA LYS A 385 -21.41 2.77 -4.42
C LYS A 385 -20.05 3.27 -4.88
N ARG A 386 -19.40 2.49 -5.74
CA ARG A 386 -18.06 2.82 -6.19
C ARG A 386 -18.05 3.38 -7.61
N LYS A 387 -18.53 2.60 -8.56
CA LYS A 387 -18.33 2.90 -9.96
C LYS A 387 -19.54 3.61 -10.52
N GLU A 388 -19.29 4.66 -11.31
CA GLU A 388 -20.33 5.35 -12.05
C GLU A 388 -21.59 5.49 -11.21
N VAL A 389 -21.54 6.38 -10.23
CA VAL A 389 -22.63 6.62 -9.30
C VAL A 389 -23.45 7.80 -9.80
N ASP A 390 -24.76 7.74 -9.57
CA ASP A 390 -25.67 8.83 -9.86
C ASP A 390 -25.94 9.64 -8.60
N ALA A 391 -26.05 10.96 -8.78
CA ALA A 391 -26.06 11.88 -7.63
C ALA A 391 -27.34 11.82 -6.82
N SER A 392 -28.45 11.36 -7.39
CA SER A 392 -29.72 11.35 -6.68
C SER A 392 -29.95 10.06 -5.91
N GLU A 393 -29.23 9.00 -6.26
CA GLU A 393 -29.35 7.70 -5.62
C GLU A 393 -28.45 7.55 -4.41
N ILE A 394 -27.51 8.48 -4.21
CA ILE A 394 -26.60 8.50 -3.06
C ILE A 394 -27.42 8.44 -1.79
N GLN A 395 -27.18 7.43 -0.96
CA GLN A 395 -27.82 7.28 0.35
C GLN A 395 -26.95 7.82 1.48
N VAL A 396 -25.64 7.64 1.37
CA VAL A 396 -24.73 8.03 2.44
C VAL A 396 -24.10 9.34 2.02
N GLN A 397 -24.56 10.43 2.60
CA GLN A 397 -23.97 11.72 2.31
C GLN A 397 -22.56 11.77 2.91
N VAL A 398 -21.78 12.68 2.38
CA VAL A 398 -20.40 12.88 2.79
C VAL A 398 -20.19 14.36 3.14
N CYS A 399 -19.46 14.61 4.22
CA CYS A 399 -18.95 15.94 4.55
C CYS A 399 -17.43 15.96 4.38
N LEU A 400 -16.92 16.95 3.65
CA LEU A 400 -15.49 17.09 3.41
C LEU A 400 -14.84 17.91 4.52
N TYR A 401 -13.82 17.35 5.15
CA TYR A 401 -13.03 18.08 6.14
C TYR A 401 -11.68 18.40 5.51
N ALA A 402 -11.50 19.67 5.15
CA ALA A 402 -10.34 20.17 4.44
C ALA A 402 -9.22 20.46 5.42
N PHE A 403 -8.04 19.92 5.19
CA PHE A 403 -6.93 20.24 6.08
C PHE A 403 -5.67 20.71 5.34
N ASP A 404 -5.63 20.70 4.02
CA ASP A 404 -4.44 21.22 3.35
C ASP A 404 -4.81 21.68 1.95
N LEU A 405 -3.99 22.59 1.45
CA LEU A 405 -4.12 23.17 0.13
C LEU A 405 -2.73 23.08 -0.50
N ILE A 406 -2.65 22.36 -1.60
CA ILE A 406 -1.39 21.96 -2.22
C ILE A 406 -1.12 22.80 -3.46
N TYR A 407 -2.15 23.37 -4.06
CA TYR A 407 -2.00 24.07 -5.32
C TYR A 407 -3.14 25.06 -5.41
N LEU A 408 -2.85 26.26 -5.89
CA LEU A 408 -3.88 27.30 -5.89
C LEU A 408 -3.65 28.23 -7.07
N ASN A 409 -4.70 28.44 -7.88
CA ASN A 409 -4.68 29.41 -8.96
C ASN A 409 -3.40 29.31 -9.79
N GLY A 410 -3.03 28.07 -10.12
CA GLY A 410 -1.92 27.82 -11.03
C GLY A 410 -0.56 27.78 -10.36
N GLU A 411 -0.48 27.86 -9.04
CA GLU A 411 0.80 27.86 -8.35
C GLU A 411 0.86 26.69 -7.37
N SER A 412 1.97 25.98 -7.40
CA SER A 412 2.25 24.96 -6.39
C SER A 412 2.54 25.60 -5.04
N LEU A 413 1.92 25.09 -3.96
CA LEU A 413 2.20 25.54 -2.60
C LEU A 413 3.10 24.55 -1.86
N VAL A 414 3.70 23.62 -2.59
CA VAL A 414 4.39 22.49 -1.98
C VAL A 414 5.55 22.95 -1.08
N ARG A 415 6.23 24.03 -1.43
CA ARG A 415 7.36 24.53 -0.65
C ARG A 415 6.92 25.59 0.35
N GLU A 416 5.63 25.90 0.41
CA GLU A 416 5.10 26.79 1.42
C GLU A 416 4.98 26.02 2.74
N PRO A 417 5.31 26.68 3.86
CA PRO A 417 5.07 26.07 5.17
C PRO A 417 3.58 25.93 5.41
N LEU A 418 3.22 24.97 6.26
CA LEU A 418 1.81 24.72 6.52
C LEU A 418 1.12 25.98 7.01
N SER A 419 1.80 26.79 7.83
CA SER A 419 1.17 28.02 8.32
C SER A 419 0.61 28.82 7.15
N ARG A 420 1.32 28.84 6.04
CA ARG A 420 0.89 29.62 4.89
C ARG A 420 -0.14 28.86 4.05
N ARG A 421 0.05 27.56 3.85
CA ARG A 421 -0.92 26.78 3.07
C ARG A 421 -2.28 26.80 3.74
N ARG A 422 -2.29 26.64 5.06
CA ARG A 422 -3.52 26.65 5.83
C ARG A 422 -4.20 28.03 5.81
N GLN A 423 -3.42 29.10 5.92
CA GLN A 423 -3.97 30.44 5.72
C GLN A 423 -4.57 30.61 4.34
N LEU A 424 -3.89 30.10 3.30
CA LEU A 424 -4.45 30.23 1.94
C LEU A 424 -5.74 29.40 1.81
N LEU A 425 -5.80 28.27 2.51
CA LEU A 425 -7.01 27.47 2.53
C LEU A 425 -8.15 28.27 3.14
N ARG A 426 -7.90 28.89 4.30
CA ARG A 426 -8.94 29.62 5.02
C ARG A 426 -9.42 30.83 4.22
N GLU A 427 -8.49 31.51 3.53
CA GLU A 427 -8.78 32.78 2.87
C GLU A 427 -9.52 32.58 1.56
N ASN A 428 -9.32 31.43 0.91
CA ASN A 428 -9.81 31.27 -0.43
C ASN A 428 -10.98 30.30 -0.51
N PHE A 429 -11.27 29.59 0.57
CA PHE A 429 -12.33 28.62 0.59
C PHE A 429 -13.36 28.94 1.65
N VAL A 430 -14.55 28.39 1.46
CA VAL A 430 -15.78 28.79 2.13
C VAL A 430 -16.40 27.55 2.75
N GLU A 431 -16.70 27.64 4.03
CA GLU A 431 -17.30 26.54 4.77
C GLU A 431 -18.81 26.54 4.63
N THR A 432 -19.35 25.33 4.53
CA THR A 432 -20.77 25.02 4.63
C THR A 432 -20.86 23.88 5.61
N GLU A 433 -21.59 24.10 6.70
CA GLU A 433 -21.80 23.07 7.71
C GLU A 433 -22.27 21.76 7.08
N GLY A 434 -21.65 20.64 7.48
CA GLY A 434 -22.04 19.33 7.00
C GLY A 434 -21.77 19.04 5.54
N GLU A 435 -21.07 19.94 4.84
CA GLU A 435 -20.75 19.73 3.44
C GLU A 435 -19.26 19.95 3.16
N PHE A 436 -18.71 21.06 3.65
CA PHE A 436 -17.29 21.35 3.45
C PHE A 436 -16.86 22.28 4.58
N VAL A 437 -16.03 21.78 5.49
CA VAL A 437 -15.58 22.55 6.62
C VAL A 437 -14.08 22.31 6.80
N PHE A 438 -13.42 23.25 7.48
CA PHE A 438 -11.99 23.13 7.78
C PHE A 438 -11.82 22.22 8.98
N ALA A 439 -10.76 21.38 8.97
CA ALA A 439 -10.51 20.52 10.11
C ALA A 439 -10.45 21.32 11.41
N THR A 440 -11.16 20.84 12.44
CA THR A 440 -11.06 21.43 13.78
C THR A 440 -9.61 21.35 14.24
N SER A 441 -9.10 22.45 14.79
CA SER A 441 -7.67 22.58 15.00
C SER A 441 -7.41 23.34 16.30
N LEU A 442 -6.22 23.12 16.82
CA LEU A 442 -5.74 23.83 18.02
C LEU A 442 -4.26 24.10 17.82
N ASP A 443 -3.86 25.37 17.97
CA ASP A 443 -2.45 25.74 17.94
C ASP A 443 -2.05 25.97 19.39
N THR A 444 -1.30 25.04 19.95
CA THR A 444 -0.90 25.15 21.34
C THR A 444 0.33 24.29 21.53
N LYS A 445 0.99 24.50 22.68
CA LYS A 445 2.05 23.62 23.13
C LYS A 445 1.83 23.19 24.58
N ASP A 446 0.66 23.48 25.15
CA ASP A 446 0.33 23.11 26.51
C ASP A 446 -0.19 21.67 26.57
N ILE A 447 0.49 20.79 27.31
CA ILE A 447 0.03 19.40 27.43
C ILE A 447 -1.43 19.34 27.85
N GLU A 448 -1.84 20.19 28.78
CA GLU A 448 -3.22 20.13 29.26
C GLU A 448 -4.20 20.29 28.12
N GLN A 449 -4.02 21.35 27.33
CA GLN A 449 -4.95 21.59 26.23
C GLN A 449 -4.85 20.49 25.18
N ILE A 450 -3.64 20.00 24.91
CA ILE A 450 -3.47 18.95 23.91
C ILE A 450 -4.17 17.67 24.34
N ALA A 451 -3.92 17.22 25.57
CA ALA A 451 -4.63 16.08 26.14
C ALA A 451 -6.14 16.29 26.10
N GLU A 452 -6.60 17.49 26.45
CA GLU A 452 -8.04 17.76 26.41
C GLU A 452 -8.57 17.73 24.98
N PHE A 453 -7.80 18.30 24.06
CA PHE A 453 -8.22 18.33 22.67
C PHE A 453 -8.27 16.91 22.11
N LEU A 454 -7.28 16.09 22.44
CA LEU A 454 -7.31 14.69 22.06
C LEU A 454 -8.57 14.02 22.55
N GLU A 455 -8.93 14.30 23.81
CA GLU A 455 -10.17 13.76 24.37
C GLU A 455 -11.39 14.27 23.61
N GLN A 456 -11.39 15.56 23.26
CA GLN A 456 -12.56 16.13 22.60
C GLN A 456 -12.73 15.53 21.20
N SER A 457 -11.62 15.22 20.52
CA SER A 457 -11.75 14.69 19.17
C SER A 457 -12.43 13.32 19.18
N VAL A 458 -12.10 12.49 20.15
CA VAL A 458 -12.79 11.19 20.27
C VAL A 458 -14.26 11.41 20.59
N LYS A 459 -14.55 12.26 21.59
CA LYS A 459 -15.93 12.63 21.86
C LYS A 459 -16.60 13.21 20.61
N ASP A 460 -15.85 13.89 19.75
CA ASP A 460 -16.41 14.39 18.51
C ASP A 460 -16.33 13.37 17.37
N SER A 461 -16.18 12.08 17.73
CA SER A 461 -16.23 10.95 16.80
C SER A 461 -15.10 11.00 15.76
N CYS A 462 -13.91 11.39 16.20
CA CYS A 462 -12.73 11.20 15.38
C CYS A 462 -11.86 10.14 16.02
N GLU A 463 -10.77 9.78 15.35
CA GLU A 463 -9.83 8.78 15.83
C GLU A 463 -8.82 9.32 16.82
N GLY A 464 -8.71 10.63 16.99
CA GLY A 464 -7.55 11.19 17.65
C GLY A 464 -7.08 12.47 16.98
N LEU A 465 -5.78 12.72 16.98
CA LEU A 465 -5.21 13.96 16.47
C LEU A 465 -4.14 13.71 15.42
N MET A 466 -4.07 14.64 14.46
CA MET A 466 -2.89 14.80 13.62
C MET A 466 -2.13 15.99 14.20
N VAL A 467 -0.81 15.90 14.24
CA VAL A 467 0.01 17.01 14.73
C VAL A 467 0.98 17.37 13.63
N LYS A 468 1.09 18.67 13.37
CA LYS A 468 1.84 19.13 12.21
C LYS A 468 2.54 20.43 12.58
N THR A 469 3.85 20.50 12.30
CA THR A 469 4.56 21.77 12.49
C THR A 469 4.02 22.78 11.49
N LEU A 470 4.07 24.04 11.92
CA LEU A 470 3.52 25.16 11.16
C LEU A 470 4.56 25.86 10.31
N ASP A 471 5.81 25.94 10.78
CA ASP A 471 6.84 26.69 10.09
C ASP A 471 8.17 25.97 9.96
N VAL A 472 8.55 25.08 10.87
CA VAL A 472 9.85 24.41 10.75
C VAL A 472 9.65 23.06 10.08
N ASP A 473 10.28 22.87 8.93
CA ASP A 473 10.12 21.63 8.17
C ASP A 473 8.63 21.33 8.01
N ALA A 474 7.90 22.34 7.55
CA ALA A 474 6.44 22.28 7.53
C ALA A 474 5.89 22.31 6.09
N THR A 475 6.72 22.02 5.11
CA THR A 475 6.30 22.08 3.72
C THR A 475 5.62 20.76 3.34
N TYR A 476 5.28 20.64 2.06
CA TYR A 476 4.58 19.46 1.58
C TYR A 476 5.48 18.76 0.58
N GLU A 477 6.75 18.59 0.92
CA GLU A 477 7.73 18.02 -0.01
C GLU A 477 7.92 16.56 0.39
N ILE A 478 7.21 15.68 -0.31
CA ILE A 478 7.18 14.28 0.11
C ILE A 478 8.56 13.65 -0.06
N ALA A 479 9.30 14.07 -1.11
CA ALA A 479 10.60 13.50 -1.42
C ALA A 479 11.62 13.79 -0.33
N LYS A 480 11.41 14.88 0.41
CA LYS A 480 12.29 15.21 1.53
C LYS A 480 11.90 14.43 2.78
N ARG A 481 10.63 14.39 3.11
CA ARG A 481 10.17 13.59 4.26
C ARG A 481 8.72 13.18 4.02
N SER A 482 8.49 11.90 3.77
CA SER A 482 7.16 11.46 3.40
C SER A 482 6.22 11.33 4.59
N HIS A 483 6.76 11.20 5.81
CA HIS A 483 5.96 11.06 7.02
C HIS A 483 6.24 12.20 7.98
N ASN A 484 5.96 13.41 7.51
CA ASN A 484 6.29 14.64 8.20
C ASN A 484 5.29 14.97 9.29
N TRP A 485 4.11 14.36 9.25
CA TRP A 485 3.05 14.59 10.23
C TRP A 485 3.10 13.49 11.29
N LEU A 486 2.51 13.77 12.45
CA LEU A 486 2.36 12.76 13.50
C LEU A 486 0.89 12.43 13.67
N LYS A 487 0.59 11.16 13.90
CA LYS A 487 -0.75 10.76 14.29
C LYS A 487 -0.72 10.28 15.72
N LEU A 488 -1.68 10.76 16.50
CA LEU A 488 -1.82 10.47 17.92
C LEU A 488 -3.23 9.90 18.11
N LYS A 489 -3.31 8.59 18.29
CA LYS A 489 -4.59 7.93 18.53
C LYS A 489 -4.55 7.35 19.93
N LYS A 490 -5.71 7.37 20.62
CA LYS A 490 -5.79 6.81 21.97
C LYS A 490 -5.25 5.39 22.00
N ASP A 491 -5.51 4.60 20.95
CA ASP A 491 -5.08 3.21 21.07
C ASP A 491 -3.58 3.05 20.92
N TYR A 492 -2.86 4.13 20.55
CA TYR A 492 -1.38 4.09 20.57
C TYR A 492 -0.83 4.18 22.00
N LEU A 493 -1.59 4.76 22.93
CA LEU A 493 -1.06 5.09 24.27
C LEU A 493 -1.03 3.87 25.18
N ASP A 494 0.10 3.67 25.88
CA ASP A 494 0.24 2.54 26.79
C ASP A 494 -0.93 2.51 27.78
N GLY A 495 -1.64 1.38 27.81
CA GLY A 495 -2.77 1.19 28.69
C GLY A 495 -3.96 2.12 28.54
N VAL A 496 -4.28 2.54 27.31
CA VAL A 496 -5.44 3.40 27.07
C VAL A 496 -6.51 2.72 26.22
N GLY A 497 -6.14 1.96 25.18
CA GLY A 497 -7.12 1.45 24.24
C GLY A 497 -7.88 0.20 24.69
N ASP A 498 -8.70 -0.34 23.78
CA ASP A 498 -9.37 -1.62 24.00
C ASP A 498 -8.34 -2.75 23.92
N THR A 499 -8.11 -3.46 25.02
CA THR A 499 -7.35 -4.69 24.97
C THR A 499 -8.22 -5.89 25.34
N LEU A 500 -7.98 -7.02 24.66
CA LEU A 500 -8.72 -8.25 24.89
C LEU A 500 -7.75 -9.42 25.08
N ASP A 501 -8.21 -10.42 25.78
CA ASP A 501 -7.47 -11.67 25.98
C ASP A 501 -8.21 -12.73 25.19
N LEU A 502 -7.59 -13.22 24.12
CA LEU A 502 -8.28 -14.05 23.15
C LEU A 502 -7.59 -15.42 23.04
N VAL A 503 -8.40 -16.46 22.78
CA VAL A 503 -7.89 -17.83 22.67
C VAL A 503 -7.44 -18.07 21.24
N VAL A 504 -6.22 -18.56 21.07
CA VAL A 504 -5.69 -18.93 19.76
C VAL A 504 -6.32 -20.28 19.38
N ILE A 505 -7.19 -20.29 18.39
CA ILE A 505 -7.86 -21.53 17.97
C ILE A 505 -7.31 -22.07 16.64
N GLY A 506 -6.50 -21.33 15.95
CA GLY A 506 -6.01 -21.86 14.70
C GLY A 506 -4.88 -21.00 14.22
N ALA A 507 -4.13 -21.57 13.27
CA ALA A 507 -2.97 -20.91 12.71
C ALA A 507 -3.01 -21.05 11.18
N TYR A 508 -2.46 -20.03 10.52
CA TYR A 508 -2.38 -19.95 9.07
C TYR A 508 -0.91 -19.99 8.69
N LEU A 509 -0.57 -20.85 7.72
CA LEU A 509 0.82 -20.96 7.31
C LEU A 509 1.28 -19.63 6.73
N GLY A 510 2.50 -19.24 7.09
CA GLY A 510 3.00 -17.95 6.67
C GLY A 510 3.45 -17.94 5.21
N ARG A 511 3.42 -16.75 4.64
CA ARG A 511 3.86 -16.46 3.29
C ARG A 511 5.18 -15.70 3.35
N GLY A 512 5.94 -15.75 2.25
CA GLY A 512 7.13 -14.92 2.14
C GLY A 512 8.16 -15.25 3.20
N LYS A 513 8.58 -14.25 3.98
CA LYS A 513 9.52 -14.54 5.05
C LYS A 513 8.91 -15.38 6.17
N ARG A 514 7.59 -15.54 6.20
CA ARG A 514 6.90 -16.31 7.23
C ARG A 514 6.74 -17.77 6.85
N ALA A 515 7.18 -18.13 5.65
CA ALA A 515 7.01 -19.48 5.13
C ALA A 515 7.68 -20.47 6.05
N GLY A 516 7.06 -21.62 6.22
CA GLY A 516 7.57 -22.60 7.16
C GLY A 516 7.22 -22.32 8.60
N ARG A 517 6.63 -21.17 8.91
CA ARG A 517 6.04 -20.97 10.23
C ARG A 517 4.62 -20.45 10.06
N TYR A 518 4.05 -19.93 11.11
CA TYR A 518 2.72 -19.36 11.09
C TYR A 518 2.81 -17.85 10.85
N GLY A 519 2.04 -17.35 9.89
CA GLY A 519 1.99 -15.93 9.62
C GLY A 519 0.83 -15.26 10.33
N GLY A 520 -0.19 -16.03 10.67
CA GLY A 520 -1.36 -15.47 11.30
C GLY A 520 -2.02 -16.51 12.15
N PHE A 521 -2.96 -16.03 12.97
CA PHE A 521 -3.67 -16.86 13.92
C PHE A 521 -5.12 -16.48 13.94
N LEU A 522 -5.94 -17.44 14.26
CA LEU A 522 -7.38 -17.25 14.43
C LEU A 522 -7.64 -17.15 15.93
N LEU A 523 -8.31 -16.10 16.34
CA LEU A 523 -8.54 -15.89 17.77
C LEU A 523 -10.03 -15.97 18.05
N ALA A 524 -10.35 -16.29 19.31
CA ALA A 524 -11.72 -16.45 19.76
C ALA A 524 -11.91 -15.85 21.14
N SER A 525 -13.11 -15.32 21.35
CA SER A 525 -13.61 -14.97 22.65
C SER A 525 -14.37 -16.15 23.24
N TYR A 526 -14.56 -16.09 24.54
CA TYR A 526 -15.25 -17.16 25.28
C TYR A 526 -16.72 -16.78 25.41
N ASP A 527 -17.58 -17.51 24.72
CA ASP A 527 -19.02 -17.28 24.84
C ASP A 527 -19.49 -18.07 26.07
N GLU A 528 -19.67 -17.38 27.18
CA GLU A 528 -19.93 -18.06 28.45
C GLU A 528 -21.22 -18.87 28.39
N ASP A 529 -22.29 -18.26 27.86
CA ASP A 529 -23.61 -18.90 27.85
C ASP A 529 -23.55 -20.27 27.19
N SER A 530 -23.08 -20.32 25.96
CA SER A 530 -23.00 -21.58 25.24
C SER A 530 -21.75 -22.39 25.57
N GLU A 531 -20.87 -21.92 26.46
CA GLU A 531 -19.56 -22.55 26.72
C GLU A 531 -18.84 -22.92 25.41
N GLU A 532 -18.82 -21.97 24.47
CA GLU A 532 -18.12 -22.16 23.20
C GLU A 532 -17.14 -21.02 23.00
N LEU A 533 -16.16 -21.27 22.13
CA LEU A 533 -15.22 -20.24 21.69
C LEU A 533 -15.69 -19.78 20.32
N GLN A 534 -15.87 -18.46 20.18
CA GLN A 534 -16.35 -17.85 18.97
C GLN A 534 -15.21 -17.06 18.34
N ALA A 535 -14.79 -17.49 17.15
CA ALA A 535 -13.85 -16.70 16.34
C ALA A 535 -14.26 -15.23 16.34
N ILE A 536 -13.27 -14.36 16.51
CA ILE A 536 -13.56 -12.93 16.51
C ILE A 536 -12.67 -12.20 15.52
N CYS A 537 -11.45 -12.70 15.33
CA CYS A 537 -10.59 -12.04 14.34
C CYS A 537 -9.38 -12.90 14.09
N LYS A 538 -8.66 -12.56 13.03
CA LYS A 538 -7.34 -13.08 12.78
C LYS A 538 -6.33 -12.10 13.37
N LEU A 539 -5.07 -12.52 13.39
CA LEU A 539 -4.04 -11.76 14.06
C LEU A 539 -2.75 -12.08 13.33
N GLY A 540 -2.04 -11.04 12.90
CA GLY A 540 -0.85 -11.25 12.13
C GLY A 540 0.19 -10.18 12.31
N THR A 541 0.03 -9.30 13.29
CA THR A 541 1.04 -8.29 13.53
C THR A 541 1.19 -8.07 15.03
N GLY A 542 2.36 -7.56 15.42
CA GLY A 542 2.65 -7.21 16.79
C GLY A 542 3.66 -8.10 17.46
N PHE A 543 3.99 -9.23 16.87
CA PHE A 543 5.04 -10.09 17.42
C PHE A 543 6.36 -9.86 16.71
N SER A 544 7.43 -9.79 17.48
CA SER A 544 8.76 -9.85 16.90
C SER A 544 8.92 -11.14 16.11
N ASP A 545 9.99 -11.20 15.30
CA ASP A 545 10.32 -12.45 14.63
C ASP A 545 10.60 -13.56 15.63
N GLU A 546 11.30 -13.24 16.72
CA GLU A 546 11.62 -14.26 17.71
C GLU A 546 10.33 -14.79 18.36
N GLU A 547 9.44 -13.89 18.80
CA GLU A 547 8.15 -14.36 19.33
C GLU A 547 7.45 -15.25 18.33
N LEU A 548 7.50 -14.86 17.05
CA LEU A 548 6.79 -15.60 16.01
C LEU A 548 7.34 -17.02 15.87
N GLU A 549 8.65 -17.17 16.03
CA GLU A 549 9.25 -18.48 16.01
C GLU A 549 8.89 -19.29 17.25
N GLU A 550 8.83 -18.63 18.40
CA GLU A 550 8.39 -19.28 19.64
C GLU A 550 6.93 -19.70 19.54
N HIS A 551 6.08 -18.85 18.96
CA HIS A 551 4.67 -19.22 18.83
C HIS A 551 4.51 -20.44 17.97
N HIS A 552 5.21 -20.47 16.84
CA HIS A 552 5.15 -21.62 15.97
C HIS A 552 5.66 -22.86 16.69
N GLN A 553 6.74 -22.72 17.46
CA GLN A 553 7.32 -23.90 18.09
C GLN A 553 6.41 -24.45 19.21
N SER A 554 5.76 -23.58 19.99
CA SER A 554 4.90 -24.13 21.03
C SER A 554 3.54 -24.56 20.48
N LEU A 555 3.01 -23.88 19.46
CA LEU A 555 1.64 -24.20 19.05
C LEU A 555 1.59 -25.39 18.11
N LYS A 556 2.68 -25.71 17.42
CA LYS A 556 2.58 -26.85 16.53
C LYS A 556 2.28 -28.13 17.31
N ALA A 557 2.57 -28.16 18.63
CA ALA A 557 2.25 -29.31 19.46
C ALA A 557 0.75 -29.41 19.78
N LEU A 558 0.01 -28.31 19.59
CA LEU A 558 -1.42 -28.25 19.81
C LEU A 558 -2.20 -28.49 18.53
N VAL A 559 -1.53 -28.81 17.41
CA VAL A 559 -2.23 -28.98 16.15
C VAL A 559 -3.14 -30.18 16.24
N LEU A 560 -4.42 -30.00 15.87
CA LEU A 560 -5.49 -30.99 15.82
C LEU A 560 -5.79 -31.38 14.37
N PRO A 561 -6.19 -32.64 14.14
CA PRO A 561 -6.59 -33.03 12.79
C PRO A 561 -7.92 -32.42 12.36
N SER A 562 -8.77 -32.09 13.33
CA SER A 562 -10.09 -31.53 13.10
C SER A 562 -10.43 -30.64 14.28
N PRO A 563 -11.38 -29.73 14.13
CA PRO A 563 -11.67 -28.77 15.21
C PRO A 563 -12.49 -29.38 16.35
N ARG A 564 -12.30 -28.81 17.52
CA ARG A 564 -13.19 -29.11 18.64
C ARG A 564 -14.63 -28.74 18.27
N PRO A 565 -15.62 -29.49 18.77
CA PRO A 565 -17.01 -29.14 18.47
C PRO A 565 -17.50 -27.88 19.17
N TYR A 566 -16.84 -27.41 20.23
CA TYR A 566 -17.25 -26.18 20.88
C TYR A 566 -16.55 -24.95 20.29
N VAL A 567 -15.88 -25.09 19.16
CA VAL A 567 -15.17 -23.99 18.51
C VAL A 567 -16.00 -23.58 17.31
N ARG A 568 -16.54 -22.37 17.35
CA ARG A 568 -17.39 -21.85 16.29
C ARG A 568 -16.61 -20.79 15.54
N ILE A 569 -16.43 -20.98 14.22
CA ILE A 569 -15.78 -19.98 13.39
C ILE A 569 -16.69 -19.41 12.31
N ASP A 570 -17.85 -20.02 12.05
CA ASP A 570 -18.81 -19.54 11.07
C ASP A 570 -18.12 -19.18 9.74
N GLY A 571 -18.17 -17.93 9.27
CA GLY A 571 -17.54 -17.58 8.00
C GLY A 571 -16.05 -17.21 8.01
N ALA A 572 -15.32 -17.37 9.11
CA ALA A 572 -13.89 -17.04 9.07
C ALA A 572 -13.13 -18.04 8.21
N VAL A 573 -11.96 -17.64 7.72
CA VAL A 573 -11.13 -18.54 6.94
C VAL A 573 -10.74 -19.72 7.81
N ILE A 574 -11.05 -20.93 7.35
CA ILE A 574 -10.68 -22.18 8.02
C ILE A 574 -9.16 -22.17 8.23
N PRO A 575 -8.68 -22.35 9.45
CA PRO A 575 -7.22 -22.31 9.66
C PRO A 575 -6.56 -23.47 8.93
N ASP A 576 -5.30 -23.24 8.53
CA ASP A 576 -4.48 -24.33 8.01
C ASP A 576 -4.26 -25.40 9.08
N HIS A 577 -4.00 -24.97 10.31
CA HIS A 577 -3.88 -25.85 11.47
C HIS A 577 -4.90 -25.40 12.51
N TRP A 578 -5.86 -26.27 12.76
CA TRP A 578 -6.67 -26.17 13.98
C TRP A 578 -5.77 -26.38 15.18
N LEU A 579 -5.98 -25.61 16.23
CA LEU A 579 -5.15 -25.73 17.43
C LEU A 579 -6.04 -26.06 18.61
N ASP A 580 -5.59 -27.00 19.43
CA ASP A 580 -6.22 -27.21 20.72
C ASP A 580 -6.31 -25.89 21.48
N PRO A 581 -7.50 -25.41 21.80
CA PRO A 581 -7.61 -24.10 22.48
C PRO A 581 -6.84 -24.13 23.79
N SER A 582 -5.89 -23.21 23.94
CA SER A 582 -5.05 -23.27 25.12
C SER A 582 -4.33 -21.96 25.35
N ALA A 583 -3.63 -21.50 24.32
CA ALA A 583 -2.89 -20.26 24.39
C ALA A 583 -3.84 -19.09 24.38
N VAL A 584 -3.62 -18.15 25.29
CA VAL A 584 -4.43 -16.96 25.44
C VAL A 584 -3.49 -15.79 25.24
N TRP A 585 -3.84 -14.90 24.33
CA TRP A 585 -3.00 -13.78 23.96
C TRP A 585 -3.73 -12.47 24.22
N GLU A 586 -2.99 -11.50 24.74
CA GLU A 586 -3.48 -10.14 24.86
C GLU A 586 -3.37 -9.43 23.50
N VAL A 587 -4.47 -8.87 23.05
CA VAL A 587 -4.60 -8.29 21.72
C VAL A 587 -5.09 -6.86 21.93
N LYS A 588 -4.50 -5.91 21.21
CA LYS A 588 -5.02 -4.56 21.21
C LYS A 588 -5.68 -4.28 19.86
N CYS A 589 -6.73 -3.46 19.89
CA CYS A 589 -7.36 -3.03 18.64
C CYS A 589 -7.73 -1.56 18.76
N ALA A 590 -8.11 -0.96 17.64
CA ALA A 590 -8.55 0.42 17.63
C ALA A 590 -10.04 0.58 17.89
N ASP A 591 -10.83 -0.43 17.58
CA ASP A 591 -12.29 -0.36 17.58
C ASP A 591 -12.81 -1.77 17.38
N LEU A 592 -14.07 -1.96 17.73
CA LEU A 592 -14.78 -3.18 17.40
C LEU A 592 -15.71 -2.88 16.25
N SER A 593 -15.95 -3.89 15.40
CA SER A 593 -16.81 -3.69 14.25
C SER A 593 -17.84 -4.82 14.18
N LEU A 594 -18.98 -4.49 13.58
CA LEU A 594 -20.02 -5.48 13.32
C LEU A 594 -19.62 -6.29 12.09
N SER A 595 -19.59 -7.63 12.24
CA SER A 595 -18.85 -8.36 11.23
C SER A 595 -19.77 -9.21 10.38
N PRO A 596 -19.51 -9.31 9.08
CA PRO A 596 -20.32 -10.19 8.23
C PRO A 596 -19.96 -11.66 8.38
N ILE A 597 -18.82 -12.00 9.00
CA ILE A 597 -18.39 -13.40 9.06
C ILE A 597 -18.16 -13.91 10.48
N TYR A 598 -17.67 -13.06 11.40
CA TYR A 598 -17.24 -13.61 12.69
C TYR A 598 -18.44 -13.84 13.60
N PRO A 599 -18.51 -14.98 14.32
CA PRO A 599 -19.67 -15.23 15.20
C PRO A 599 -19.56 -14.63 16.59
N ALA A 600 -18.38 -14.16 17.02
CA ALA A 600 -18.22 -13.67 18.38
C ALA A 600 -19.33 -12.68 18.73
N ALA A 601 -20.06 -12.95 19.82
CA ALA A 601 -21.09 -12.04 20.34
C ALA A 601 -22.28 -11.85 19.39
N ARG A 602 -22.46 -12.70 18.37
CA ARG A 602 -23.67 -12.62 17.56
C ARG A 602 -24.89 -12.88 18.43
N GLY A 603 -25.93 -12.06 18.26
CA GLY A 603 -27.11 -12.11 19.10
C GLY A 603 -27.05 -11.24 20.35
N LEU A 604 -25.86 -10.73 20.73
CA LEU A 604 -25.73 -9.89 21.91
C LEU A 604 -25.84 -8.42 21.58
N VAL A 605 -25.59 -8.06 20.34
CA VAL A 605 -25.80 -6.70 19.85
C VAL A 605 -26.77 -6.78 18.67
N ASP A 606 -26.48 -7.71 17.72
CA ASP A 606 -27.28 -7.98 16.52
C ASP A 606 -27.66 -9.47 16.48
N SER A 607 -28.85 -9.78 15.92
CA SER A 607 -29.26 -11.18 15.87
C SER A 607 -28.44 -12.02 14.86
N ASP A 608 -27.97 -11.40 13.77
CA ASP A 608 -27.22 -12.11 12.73
C ASP A 608 -25.72 -11.79 12.70
N LYS A 609 -25.30 -10.55 12.99
CA LYS A 609 -23.87 -10.22 12.93
C LYS A 609 -23.19 -10.33 14.30
N GLY A 610 -22.02 -10.98 14.30
CA GLY A 610 -21.11 -10.95 15.42
C GLY A 610 -20.13 -9.80 15.28
N ILE A 611 -19.04 -9.87 16.05
CA ILE A 611 -18.20 -8.70 16.23
C ILE A 611 -16.75 -9.08 15.95
N SER A 612 -16.01 -8.13 15.35
CA SER A 612 -14.61 -8.34 15.06
C SER A 612 -13.84 -7.11 15.54
N LEU A 613 -12.55 -7.13 15.36
CA LEU A 613 -11.64 -6.10 15.86
C LEU A 613 -11.00 -5.36 14.69
N ARG A 614 -10.89 -4.05 14.82
CA ARG A 614 -10.27 -3.22 13.81
C ARG A 614 -8.80 -3.02 14.16
N PHE A 615 -7.90 -3.33 13.23
CA PHE A 615 -6.45 -3.23 13.48
C PHE A 615 -6.02 -4.02 14.73
N PRO A 616 -6.39 -5.28 14.86
CA PRO A 616 -5.88 -6.07 16.00
C PRO A 616 -4.36 -6.21 15.92
N ARG A 617 -3.70 -6.22 17.08
CA ARG A 617 -2.29 -6.56 17.10
C ARG A 617 -1.94 -7.30 18.37
N PHE A 618 -0.98 -8.21 18.28
CA PHE A 618 -0.50 -8.95 19.42
C PHE A 618 0.22 -8.02 20.37
N ILE A 619 -0.05 -8.16 21.67
CA ILE A 619 0.73 -7.44 22.69
C ILE A 619 1.65 -8.40 23.45
N ARG A 620 1.10 -9.51 23.93
CA ARG A 620 1.87 -10.39 24.77
C ARG A 620 1.05 -11.64 25.04
N VAL A 621 1.76 -12.73 25.36
CA VAL A 621 1.08 -13.93 25.81
C VAL A 621 0.56 -13.71 27.21
N ARG A 622 -0.60 -14.28 27.50
CA ARG A 622 -1.12 -14.35 28.86
C ARG A 622 -0.92 -15.80 29.29
N GLU A 623 0.32 -16.11 29.69
CA GLU A 623 0.64 -17.44 30.19
C GLU A 623 -0.09 -17.74 31.49
N ASP A 624 -0.60 -16.71 32.15
CA ASP A 624 -1.36 -16.92 33.38
C ASP A 624 -2.83 -17.24 33.14
N LYS A 625 -3.30 -17.27 31.89
CA LYS A 625 -4.70 -17.55 31.63
C LYS A 625 -4.87 -18.81 30.78
N GLN A 626 -5.92 -19.54 31.09
CA GLN A 626 -6.46 -20.59 30.24
C GLN A 626 -7.64 -20.04 29.45
N PRO A 627 -8.17 -20.82 28.50
CA PRO A 627 -9.22 -20.29 27.61
C PRO A 627 -10.44 -19.72 28.33
N GLU A 628 -10.82 -20.29 29.46
CA GLU A 628 -11.99 -19.85 30.20
C GLU A 628 -11.77 -18.53 30.93
N GLN A 629 -10.56 -17.99 30.92
CA GLN A 629 -10.34 -16.65 31.46
C GLN A 629 -10.16 -15.62 30.35
N ALA A 630 -10.33 -16.03 29.09
CA ALA A 630 -10.30 -15.09 27.99
C ALA A 630 -11.47 -14.11 28.09
N THR A 631 -11.30 -12.96 27.45
CA THR A 631 -12.40 -12.03 27.30
C THR A 631 -13.64 -12.75 26.80
N THR A 632 -14.79 -12.54 27.46
CA THR A 632 -16.02 -13.21 27.06
C THR A 632 -16.70 -12.50 25.88
N SER A 633 -17.56 -13.25 25.19
CA SER A 633 -18.35 -12.62 24.14
C SER A 633 -19.23 -11.51 24.72
N ALA A 634 -19.76 -11.73 25.94
CA ALA A 634 -20.56 -10.68 26.56
C ALA A 634 -19.75 -9.41 26.79
N GLN A 635 -18.49 -9.57 27.22
CA GLN A 635 -17.63 -8.39 27.36
C GLN A 635 -17.35 -7.74 26.02
N VAL A 636 -17.13 -8.56 24.98
CA VAL A 636 -16.94 -7.99 23.64
C VAL A 636 -18.15 -7.13 23.26
N ALA A 637 -19.37 -7.64 23.49
CA ALA A 637 -20.56 -6.84 23.21
C ALA A 637 -20.57 -5.56 24.05
N CYS A 638 -20.25 -5.69 25.35
CA CYS A 638 -20.18 -4.50 26.20
C CYS A 638 -19.20 -3.48 25.63
N LEU A 639 -18.01 -3.92 25.22
CA LEU A 639 -17.06 -2.99 24.62
C LEU A 639 -17.66 -2.34 23.40
N TYR A 640 -18.34 -3.15 22.57
CA TYR A 640 -18.86 -2.61 21.33
C TYR A 640 -19.86 -1.49 21.59
N ARG A 641 -20.78 -1.73 22.54
CA ARG A 641 -21.77 -0.72 22.91
C ARG A 641 -21.13 0.50 23.56
N LYS A 642 -20.02 0.32 24.27
CA LYS A 642 -19.37 1.48 24.87
C LYS A 642 -18.85 2.44 23.79
N GLN A 643 -18.56 1.93 22.58
CA GLN A 643 -18.34 2.81 21.44
C GLN A 643 -19.55 3.67 21.12
N SER A 644 -20.74 3.34 21.66
CA SER A 644 -22.04 4.02 21.42
C SER A 644 -22.52 3.67 20.02
#